data_1YA6
#
_entry.id   1YA6
#
_cell.length_a   45.855
_cell.length_b   119.318
_cell.length_c   86.812
_cell.angle_alpha   90.00
_cell.angle_beta   92.87
_cell.angle_gamma   90.00
#
_symmetry.space_group_name_H-M   'P 1 21 1'
#
loop_
_entity.id
_entity.type
_entity.pdbx_description
1 polymer "5'-D(*AP*TP*AP*CP*TP*AP*AP*GP*AP*TP*AP*G)-3'"
2 polymer "5'-D(*CP*TP*AP*TP*CP*TP*GP*AP*GP*TP*AP*T)-3'"
3 polymer 'DNA alpha-glucosyltransferase'
4 non-polymer 'COBALT HEXAMMINE(III)'
5 non-polymer "URIDINE-5'-DIPHOSPHATE"
6 water water
#
loop_
_entity_poly.entity_id
_entity_poly.type
_entity_poly.pdbx_seq_one_letter_code
_entity_poly.pdbx_strand_id
1 'polydeoxyribonucleotide' (DA)(DT)(DA)(DC)(DT)(DA)(DA)(DG)(DA)(DT)(DA)(DG) C
2 'polydeoxyribonucleotide' (DC)(DT)(DA)(DT)(DC)(DT)(DG)(DA)(DG)(DT)(DA)(DT) D
3 'polypeptide(L)'
;MGSMRICIFMARGLEGCGVTKFSLEQRDWFIKNGHEVTLVYAKDKSFTRTSSHDHKSFSIPVILAKEYDKALKLVNDCDI
LIINSVPATSVQEATINNYKKLLDNIKPSIRVVVYQHDHSVLSLRRNLGLEETVRRADVIFSHSDNGDFNKVLMKEWYPE
TVSLFDDIEEAPTVYNFQPPMDIVKVRSTYWKDVSEINMNINRWIGRTTTWKGFYQMFDFHEKFLKPAGKSTVMEGLERS
PAFIAIKEKGIPYEYYGNREIDKMNLAPNQPAQILDCYINSEMLERMSKSGFGYQLSKLNQKYLQRSLEYTHLELGACGT
IPVFWKSTGENLKFRVDNTPLTSHDSGIIWFDENDMESTFERIKELSSDRALYDREREKAYEFLYQHQDSSFCFKEQFDI
ITK
;
A,B
#
loop_
_chem_comp.id
_chem_comp.type
_chem_comp.name
_chem_comp.formula
DA DNA linking 2'-DEOXYADENOSINE-5'-MONOPHOSPHATE 'C10 H14 N5 O6 P'
DC DNA linking 2'-DEOXYCYTIDINE-5'-MONOPHOSPHATE 'C9 H14 N3 O7 P'
DG DNA linking 2'-DEOXYGUANOSINE-5'-MONOPHOSPHATE 'C10 H14 N5 O7 P'
DT DNA linking THYMIDINE-5'-MONOPHOSPHATE 'C10 H15 N2 O8 P'
NCO non-polymer 'COBALT HEXAMMINE(III)' 'Co H18 N6 3'
UDP RNA linking URIDINE-5'-DIPHOSPHATE 'C9 H14 N2 O12 P2'
#
# COMPACT_ATOMS: atom_id res chain seq x y z
N SER C 3 10.62 -9.43 -41.70
CA SER C 3 9.77 -9.11 -40.52
C SER C 3 9.51 -10.34 -39.64
N MET C 4 9.33 -10.12 -38.35
CA MET C 4 9.08 -11.21 -37.42
C MET C 4 8.25 -10.80 -36.21
N ARG C 5 7.73 -11.80 -35.51
CA ARG C 5 6.93 -11.59 -34.31
C ARG C 5 7.88 -11.82 -33.13
N ILE C 6 7.88 -10.88 -32.19
CA ILE C 6 8.73 -11.02 -31.02
C ILE C 6 7.89 -10.98 -29.77
N CYS C 7 8.16 -11.87 -28.83
CA CYS C 7 7.45 -11.82 -27.57
C CYS C 7 8.49 -11.52 -26.50
N ILE C 8 8.32 -10.40 -25.81
CA ILE C 8 9.24 -10.01 -24.73
C ILE C 8 8.54 -10.44 -23.44
N PHE C 9 9.17 -11.36 -22.72
CA PHE C 9 8.60 -11.92 -21.51
C PHE C 9 9.35 -11.54 -20.24
N MET C 10 8.65 -10.95 -19.29
CA MET C 10 9.27 -10.61 -18.01
C MET C 10 8.60 -11.44 -16.92
N ALA C 11 9.05 -12.69 -16.80
CA ALA C 11 8.51 -13.64 -15.85
C ALA C 11 8.64 -13.28 -14.38
N ARG C 12 9.26 -12.15 -14.07
CA ARG C 12 9.40 -11.74 -12.67
C ARG C 12 8.28 -10.77 -12.35
N GLY C 13 7.87 -10.05 -13.38
CA GLY C 13 6.85 -9.05 -13.23
C GLY C 13 7.46 -7.75 -13.72
N LEU C 14 6.70 -6.67 -13.64
CA LEU C 14 7.20 -5.39 -14.10
C LEU C 14 7.66 -4.59 -12.88
N GLU C 15 8.96 -4.59 -12.61
CA GLU C 15 9.53 -3.88 -11.46
C GLU C 15 9.63 -2.37 -11.64
N GLY C 16 9.55 -1.91 -12.87
CA GLY C 16 9.59 -0.48 -13.11
C GLY C 16 10.96 0.19 -13.10
N CYS C 17 11.99 -0.60 -13.31
CA CYS C 17 13.32 -0.05 -13.32
C CYS C 17 14.02 -0.35 -14.64
N GLY C 18 15.27 -0.75 -14.55
CA GLY C 18 16.05 -1.01 -15.73
C GLY C 18 15.62 -2.16 -16.60
N VAL C 19 15.06 -3.21 -16.00
CA VAL C 19 14.62 -4.34 -16.79
C VAL C 19 13.33 -3.97 -17.52
N THR C 20 12.46 -3.22 -16.85
CA THR C 20 11.23 -2.81 -17.50
C THR C 20 11.63 -1.82 -18.58
N LYS C 21 12.50 -0.88 -18.23
CA LYS C 21 12.95 0.12 -19.19
C LYS C 21 13.54 -0.60 -20.38
N PHE C 22 14.57 -1.39 -20.15
CA PHE C 22 15.21 -2.15 -21.22
C PHE C 22 14.12 -2.77 -22.11
N SER C 23 13.14 -3.42 -21.48
CA SER C 23 12.03 -4.05 -22.20
C SER C 23 11.27 -3.09 -23.11
N LEU C 24 11.00 -1.90 -22.59
CA LEU C 24 10.27 -0.91 -23.37
C LEU C 24 11.10 -0.43 -24.55
N GLU C 25 12.37 -0.13 -24.29
CA GLU C 25 13.31 0.34 -25.33
C GLU C 25 13.56 -0.74 -26.37
N GLN C 26 13.42 -2.00 -25.96
CA GLN C 26 13.61 -3.14 -26.83
C GLN C 26 12.38 -3.22 -27.76
N ARG C 27 11.20 -3.01 -27.20
CA ARG C 27 9.98 -3.04 -27.97
C ARG C 27 10.00 -1.92 -29.01
N ASP C 28 10.35 -0.72 -28.55
CA ASP C 28 10.41 0.44 -29.44
C ASP C 28 11.28 0.19 -30.66
N TRP C 29 12.45 -0.39 -30.45
CA TRP C 29 13.39 -0.67 -31.55
C TRP C 29 12.88 -1.68 -32.58
N PHE C 30 12.31 -2.80 -32.13
CA PHE C 30 11.80 -3.81 -33.04
C PHE C 30 10.67 -3.20 -33.87
N ILE C 31 9.80 -2.45 -33.22
CA ILE C 31 8.70 -1.81 -33.91
C ILE C 31 9.25 -0.82 -34.95
N LYS C 32 10.20 0.00 -34.52
CA LYS C 32 10.85 0.98 -35.39
C LYS C 32 11.51 0.30 -36.59
N ASN C 33 11.85 -0.97 -36.45
CA ASN C 33 12.50 -1.69 -37.55
C ASN C 33 11.51 -2.64 -38.22
N GLY C 34 10.23 -2.32 -38.10
CA GLY C 34 9.18 -3.11 -38.72
C GLY C 34 9.05 -4.53 -38.22
N HIS C 35 8.56 -4.68 -36.99
CA HIS C 35 8.39 -6.00 -36.39
C HIS C 35 7.16 -5.99 -35.49
N GLU C 36 6.63 -7.17 -35.23
CA GLU C 36 5.48 -7.27 -34.34
C GLU C 36 6.00 -7.63 -32.95
N VAL C 37 5.58 -6.88 -31.95
CA VAL C 37 6.04 -7.09 -30.59
C VAL C 37 4.90 -7.19 -29.61
N THR C 38 4.92 -8.21 -28.76
CA THR C 38 3.93 -8.33 -27.73
C THR C 38 4.75 -8.28 -26.45
N LEU C 39 4.34 -7.44 -25.51
CA LEU C 39 5.04 -7.34 -24.24
C LEU C 39 4.20 -8.06 -23.21
N VAL C 40 4.77 -9.12 -22.65
CA VAL C 40 4.07 -9.94 -21.67
C VAL C 40 4.84 -9.97 -20.36
N TYR C 41 4.11 -9.88 -19.27
CA TYR C 41 4.75 -9.96 -17.96
C TYR C 41 3.89 -10.77 -17.02
N ALA C 42 4.54 -11.41 -16.05
CA ALA C 42 3.87 -12.23 -15.05
C ALA C 42 3.38 -11.32 -13.94
N LYS C 43 2.07 -11.28 -13.75
CA LYS C 43 1.48 -10.43 -12.73
C LYS C 43 1.45 -11.06 -11.35
N ASP C 44 1.97 -12.28 -11.22
CA ASP C 44 1.95 -12.94 -9.93
C ASP C 44 2.43 -12.03 -8.81
N LYS C 45 3.62 -11.47 -8.97
CA LYS C 45 4.16 -10.59 -7.94
C LYS C 45 3.95 -9.14 -8.37
N SER C 46 3.66 -8.29 -7.39
CA SER C 46 3.44 -6.87 -7.65
C SER C 46 4.60 -6.05 -7.10
N PHE C 47 4.88 -4.94 -7.76
CA PHE C 47 5.96 -4.04 -7.35
C PHE C 47 5.42 -2.64 -7.13
N THR C 48 6.29 -1.69 -6.84
CA THR C 48 5.87 -0.33 -6.60
C THR C 48 5.94 0.62 -7.78
N ARG C 49 7.08 0.67 -8.44
CA ARG C 49 7.26 1.57 -9.57
C ARG C 49 6.50 1.13 -10.83
N THR C 50 5.41 0.40 -10.62
CA THR C 50 4.58 -0.10 -11.71
C THR C 50 4.18 1.03 -12.69
N SER C 51 3.98 2.25 -12.17
CA SER C 51 3.59 3.38 -12.99
C SER C 51 4.73 4.35 -13.38
N SER C 52 5.98 3.93 -13.19
CA SER C 52 7.10 4.80 -13.53
C SER C 52 7.35 4.96 -15.02
N HIS C 53 6.98 3.94 -15.79
CA HIS C 53 7.13 3.98 -17.24
C HIS C 53 5.75 3.78 -17.83
N ASP C 54 5.55 4.31 -19.04
CA ASP C 54 4.26 4.19 -19.70
C ASP C 54 4.21 2.86 -20.47
N HIS C 55 3.31 1.96 -20.06
CA HIS C 55 3.22 0.66 -20.69
C HIS C 55 1.83 0.03 -20.64
N LYS C 56 1.02 0.49 -19.67
CA LYS C 56 -0.31 -0.06 -19.43
C LYS C 56 -1.19 -0.30 -20.66
N SER C 57 -1.18 0.63 -21.61
CA SER C 57 -2.00 0.46 -22.80
C SER C 57 -1.57 -0.65 -23.77
N PHE C 58 -0.42 -1.29 -23.56
CA PHE C 58 0.02 -2.35 -24.47
C PHE C 58 0.64 -3.60 -23.85
N SER C 59 0.98 -3.54 -22.56
CA SER C 59 1.58 -4.68 -21.89
C SER C 59 0.50 -5.70 -21.55
N ILE C 60 0.86 -6.98 -21.60
CA ILE C 60 -0.08 -8.06 -21.30
C ILE C 60 0.28 -8.81 -20.02
N PRO C 61 -0.53 -8.64 -18.96
CA PRO C 61 -0.24 -9.35 -17.73
C PRO C 61 -0.81 -10.77 -17.76
N VAL C 62 -0.26 -11.64 -16.91
CA VAL C 62 -0.71 -13.01 -16.85
C VAL C 62 -0.29 -13.55 -15.49
N ILE C 63 -1.18 -14.32 -14.87
CA ILE C 63 -0.90 -14.93 -13.57
C ILE C 63 -0.47 -16.36 -13.83
N LEU C 64 0.82 -16.58 -13.75
CA LEU C 64 1.41 -17.88 -14.00
C LEU C 64 0.83 -19.00 -13.16
N ALA C 65 0.58 -18.72 -11.88
CA ALA C 65 0.05 -19.76 -11.00
C ALA C 65 -1.39 -20.15 -11.31
N LYS C 66 -2.08 -19.38 -12.14
CA LYS C 66 -3.48 -19.71 -12.41
C LYS C 66 -3.90 -19.66 -13.87
N GLU C 67 -3.07 -19.06 -14.73
CA GLU C 67 -3.42 -18.96 -16.15
C GLU C 67 -2.37 -19.57 -17.07
N TYR C 68 -1.79 -20.70 -16.66
CA TYR C 68 -0.76 -21.38 -17.45
C TYR C 68 -1.05 -21.44 -18.94
N ASP C 69 -2.26 -21.85 -19.31
CA ASP C 69 -2.60 -21.95 -20.72
C ASP C 69 -2.60 -20.62 -21.44
N LYS C 70 -3.05 -19.57 -20.76
CA LYS C 70 -3.07 -18.23 -21.35
C LYS C 70 -1.61 -17.85 -21.64
N ALA C 71 -0.75 -18.13 -20.66
CA ALA C 71 0.66 -17.83 -20.77
C ALA C 71 1.27 -18.66 -21.90
N LEU C 72 0.92 -19.95 -21.94
CA LEU C 72 1.45 -20.84 -22.96
C LEU C 72 1.11 -20.33 -24.34
N LYS C 73 -0.16 -19.99 -24.53
CA LYS C 73 -0.63 -19.47 -25.81
C LYS C 73 0.19 -18.22 -26.16
N LEU C 74 0.38 -17.34 -25.17
CA LEU C 74 1.13 -16.12 -25.39
C LEU C 74 2.58 -16.29 -25.82
N VAL C 75 3.39 -16.98 -25.02
CA VAL C 75 4.81 -17.16 -25.39
C VAL C 75 5.05 -18.05 -26.62
N ASN C 76 4.06 -18.84 -27.03
CA ASN C 76 4.25 -19.68 -28.20
C ASN C 76 3.76 -19.01 -29.47
N ASP C 77 3.30 -17.78 -29.33
CA ASP C 77 2.81 -17.05 -30.48
C ASP C 77 3.84 -16.03 -30.95
N CYS C 78 4.97 -16.52 -31.46
CA CYS C 78 6.03 -15.63 -31.96
C CYS C 78 7.18 -16.41 -32.60
N ASP C 79 8.08 -15.68 -33.24
CA ASP C 79 9.25 -16.26 -33.88
C ASP C 79 10.42 -16.23 -32.89
N ILE C 80 10.47 -15.18 -32.10
CA ILE C 80 11.53 -15.02 -31.13
C ILE C 80 10.98 -14.69 -29.76
N LEU C 81 11.40 -15.45 -28.76
CA LEU C 81 10.98 -15.21 -27.39
C LEU C 81 12.18 -14.68 -26.62
N ILE C 82 12.04 -13.49 -26.10
CA ILE C 82 13.09 -12.85 -25.33
C ILE C 82 12.62 -12.87 -23.87
N ILE C 83 13.42 -13.45 -22.99
CA ILE C 83 13.07 -13.51 -21.58
C ILE C 83 14.03 -12.60 -20.86
N ASN C 84 13.49 -11.55 -20.23
CA ASN C 84 14.32 -10.59 -19.53
C ASN C 84 14.41 -10.74 -18.02
N SER C 85 13.51 -11.52 -17.44
CA SER C 85 13.52 -11.71 -15.99
C SER C 85 12.80 -13.02 -15.71
N VAL C 86 12.99 -13.56 -14.51
CA VAL C 86 12.36 -14.82 -14.11
C VAL C 86 11.73 -14.62 -12.73
N PRO C 87 10.85 -15.54 -12.30
CA PRO C 87 10.20 -15.40 -10.99
C PRO C 87 11.19 -15.19 -9.85
N ALA C 88 10.77 -14.42 -8.85
CA ALA C 88 11.58 -14.16 -7.69
C ALA C 88 11.41 -15.31 -6.70
N THR C 89 12.27 -15.34 -5.68
CA THR C 89 12.23 -16.40 -4.69
C THR C 89 11.02 -16.29 -3.77
N SER C 90 10.35 -15.13 -3.78
CA SER C 90 9.19 -14.92 -2.92
C SER C 90 7.86 -15.35 -3.56
N VAL C 91 7.94 -16.07 -4.67
CA VAL C 91 6.72 -16.51 -5.32
C VAL C 91 6.31 -17.90 -4.87
N GLN C 92 5.04 -18.21 -5.07
CA GLN C 92 4.49 -19.52 -4.69
C GLN C 92 4.99 -20.62 -5.62
N GLU C 93 4.88 -21.86 -5.14
CA GLU C 93 5.30 -23.01 -5.92
C GLU C 93 4.64 -23.02 -7.29
N ALA C 94 3.33 -22.79 -7.31
CA ALA C 94 2.57 -22.80 -8.55
C ALA C 94 3.11 -21.86 -9.62
N THR C 95 3.62 -20.71 -9.19
CA THR C 95 4.18 -19.73 -10.11
C THR C 95 5.52 -20.21 -10.69
N ILE C 96 6.49 -20.50 -9.83
CA ILE C 96 7.78 -20.96 -10.33
C ILE C 96 7.61 -22.28 -11.08
N ASN C 97 6.82 -23.18 -10.51
CA ASN C 97 6.57 -24.47 -11.14
C ASN C 97 5.93 -24.31 -12.51
N ASN C 98 4.86 -23.53 -12.61
CA ASN C 98 4.25 -23.36 -13.92
C ASN C 98 5.17 -22.62 -14.87
N TYR C 99 6.09 -21.82 -14.33
CA TYR C 99 7.04 -21.10 -15.18
C TYR C 99 7.94 -22.13 -15.86
N LYS C 100 8.46 -23.07 -15.06
CA LYS C 100 9.33 -24.12 -15.55
C LYS C 100 8.60 -24.97 -16.60
N LYS C 101 7.30 -25.13 -16.42
CA LYS C 101 6.50 -25.92 -17.34
C LYS C 101 6.35 -25.21 -18.68
N LEU C 102 6.50 -23.89 -18.69
CA LEU C 102 6.41 -23.12 -19.94
C LEU C 102 7.66 -23.39 -20.77
N LEU C 103 8.82 -23.42 -20.11
CA LEU C 103 10.10 -23.66 -20.78
C LEU C 103 10.15 -24.98 -21.56
N ASP C 104 9.48 -25.99 -21.01
CA ASP C 104 9.41 -27.32 -21.62
C ASP C 104 8.40 -27.39 -22.76
N ASN C 105 7.49 -26.42 -22.86
CA ASN C 105 6.50 -26.46 -23.92
C ASN C 105 6.59 -25.31 -24.90
N ILE C 106 7.79 -24.75 -25.05
CA ILE C 106 8.01 -23.68 -26.01
C ILE C 106 8.37 -24.36 -27.34
N LYS C 107 7.58 -24.09 -28.38
CA LYS C 107 7.83 -24.68 -29.70
C LYS C 107 9.31 -24.76 -30.00
N PRO C 108 9.78 -25.95 -30.39
CA PRO C 108 11.20 -26.17 -30.70
C PRO C 108 11.69 -25.18 -31.75
N SER C 109 10.76 -24.64 -32.53
CA SER C 109 11.08 -23.69 -33.59
C SER C 109 11.30 -22.25 -33.11
N ILE C 110 10.74 -21.90 -31.96
CA ILE C 110 10.91 -20.53 -31.46
C ILE C 110 12.34 -20.34 -30.93
N ARG C 111 13.02 -19.30 -31.39
CA ARG C 111 14.37 -19.04 -30.90
C ARG C 111 14.24 -18.29 -29.58
N VAL C 112 14.65 -18.94 -28.50
CA VAL C 112 14.57 -18.33 -27.18
C VAL C 112 15.84 -17.57 -26.80
N VAL C 113 15.70 -16.27 -26.62
CA VAL C 113 16.83 -15.40 -26.27
C VAL C 113 16.69 -14.96 -24.82
N VAL C 114 17.70 -15.25 -24.01
CA VAL C 114 17.71 -14.90 -22.60
C VAL C 114 18.75 -13.82 -22.24
N TYR C 115 18.29 -12.74 -21.62
CA TYR C 115 19.17 -11.66 -21.20
C TYR C 115 19.32 -11.73 -19.69
N GLN C 116 20.56 -11.85 -19.20
CA GLN C 116 20.77 -11.89 -17.76
C GLN C 116 21.10 -10.46 -17.32
N HIS C 117 20.07 -9.74 -16.90
CA HIS C 117 20.18 -8.37 -16.48
C HIS C 117 20.81 -8.10 -15.14
N ASP C 118 20.88 -9.11 -14.26
CA ASP C 118 21.51 -8.94 -12.95
C ASP C 118 23.03 -9.08 -13.03
N HIS C 119 23.76 -8.06 -12.57
CA HIS C 119 25.22 -8.08 -12.57
C HIS C 119 25.73 -7.97 -11.15
N SER C 120 25.42 -8.98 -10.37
CA SER C 120 25.81 -9.02 -8.98
C SER C 120 25.77 -10.48 -8.58
N VAL C 121 26.68 -10.90 -7.71
CA VAL C 121 26.66 -12.29 -7.29
C VAL C 121 25.42 -12.50 -6.44
N LEU C 122 25.05 -11.47 -5.70
CA LEU C 122 23.88 -11.52 -4.83
C LEU C 122 22.68 -11.90 -5.67
N SER C 123 22.73 -11.50 -6.94
CA SER C 123 21.66 -11.82 -7.87
C SER C 123 21.73 -13.31 -8.10
N LEU C 124 21.00 -13.80 -9.10
CA LEU C 124 21.02 -15.21 -9.43
C LEU C 124 20.52 -16.05 -8.26
N ARG C 125 20.61 -15.50 -7.05
CA ARG C 125 20.14 -16.20 -5.86
C ARG C 125 18.66 -15.85 -5.76
N ARG C 126 18.33 -14.61 -6.10
CA ARG C 126 16.94 -14.16 -6.05
C ARG C 126 16.21 -14.59 -7.31
N ASN C 127 16.83 -15.47 -8.09
CA ASN C 127 16.23 -15.96 -9.32
C ASN C 127 15.90 -17.44 -9.22
N LEU C 128 14.72 -17.82 -9.68
CA LEU C 128 14.28 -19.21 -9.66
C LEU C 128 14.03 -19.64 -11.09
N GLY C 129 14.20 -20.93 -11.36
CA GLY C 129 13.98 -21.44 -12.71
C GLY C 129 15.00 -20.85 -13.67
N LEU C 130 16.10 -20.34 -13.12
CA LEU C 130 17.16 -19.74 -13.93
C LEU C 130 17.95 -20.77 -14.71
N GLU C 131 18.19 -21.92 -14.09
CA GLU C 131 18.94 -22.96 -14.74
C GLU C 131 18.14 -23.63 -15.86
N GLU C 132 16.81 -23.66 -15.71
CA GLU C 132 15.95 -24.25 -16.73
C GLU C 132 15.80 -23.28 -17.91
N THR C 133 15.93 -21.99 -17.62
CA THR C 133 15.83 -20.97 -18.66
C THR C 133 17.09 -21.07 -19.52
N VAL C 134 18.22 -21.25 -18.86
CA VAL C 134 19.49 -21.37 -19.55
C VAL C 134 19.58 -22.62 -20.41
N ARG C 135 18.95 -23.70 -19.99
CA ARG C 135 18.97 -24.94 -20.77
C ARG C 135 18.11 -24.86 -22.03
N ARG C 136 17.09 -24.00 -22.03
CA ARG C 136 16.22 -23.84 -23.19
C ARG C 136 16.62 -22.67 -24.06
N ALA C 137 17.44 -21.78 -23.53
CA ALA C 137 17.87 -20.61 -24.30
C ALA C 137 18.69 -21.01 -25.51
N ASP C 138 18.52 -20.25 -26.60
CA ASP C 138 19.25 -20.49 -27.83
C ASP C 138 20.36 -19.45 -27.90
N VAL C 139 20.13 -18.35 -27.18
CA VAL C 139 21.09 -17.25 -27.12
C VAL C 139 21.01 -16.64 -25.72
N ILE C 140 22.17 -16.32 -25.16
CA ILE C 140 22.27 -15.74 -23.83
C ILE C 140 23.17 -14.50 -23.83
N PHE C 141 22.75 -13.44 -23.14
CA PHE C 141 23.51 -12.20 -23.02
C PHE C 141 23.73 -11.88 -21.56
N SER C 142 24.90 -11.37 -21.21
CA SER C 142 25.14 -10.99 -19.83
C SER C 142 25.85 -9.65 -19.87
N HIS C 143 26.07 -9.04 -18.71
CA HIS C 143 26.73 -7.75 -18.67
C HIS C 143 28.24 -7.87 -18.63
N SER C 144 28.75 -9.04 -18.27
CA SER C 144 30.19 -9.23 -18.20
C SER C 144 30.61 -10.68 -18.31
N ASP C 145 31.77 -10.90 -18.92
CA ASP C 145 32.33 -12.24 -19.10
C ASP C 145 33.08 -12.62 -17.83
N ASN C 146 33.81 -11.66 -17.26
CA ASN C 146 34.56 -11.87 -16.03
C ASN C 146 33.63 -11.61 -14.84
N GLY C 147 32.53 -12.35 -14.77
CA GLY C 147 31.58 -12.16 -13.68
C GLY C 147 30.96 -13.44 -13.16
N ASP C 148 30.25 -13.29 -12.03
CA ASP C 148 29.57 -14.40 -11.36
C ASP C 148 28.83 -15.38 -12.28
N PHE C 149 28.00 -14.84 -13.17
CA PHE C 149 27.22 -15.67 -14.09
C PHE C 149 28.07 -16.79 -14.72
N ASN C 150 29.25 -16.44 -15.21
CA ASN C 150 30.16 -17.40 -15.84
C ASN C 150 31.07 -18.04 -14.78
N PRO C 172 24.38 -21.77 -24.31
CA PRO C 172 25.71 -22.35 -24.55
C PRO C 172 26.82 -21.28 -24.60
N THR C 173 26.76 -20.41 -25.61
CA THR C 173 27.73 -19.34 -25.76
C THR C 173 27.14 -18.07 -25.17
N VAL C 174 27.84 -17.49 -24.20
CA VAL C 174 27.36 -16.27 -23.57
C VAL C 174 27.95 -15.02 -24.21
N TYR C 175 27.07 -14.21 -24.80
CA TYR C 175 27.48 -12.98 -25.45
C TYR C 175 27.29 -11.75 -24.56
N ASN C 176 27.96 -10.66 -24.90
CA ASN C 176 27.87 -9.45 -24.12
C ASN C 176 26.85 -8.48 -24.72
N PHE C 177 26.33 -7.59 -23.88
CA PHE C 177 25.37 -6.61 -24.35
C PHE C 177 25.35 -5.40 -23.45
N GLN C 178 24.71 -4.34 -23.93
CA GLN C 178 24.56 -3.10 -23.20
C GLN C 178 23.06 -2.78 -23.31
N PRO C 179 22.44 -2.35 -22.22
CA PRO C 179 21.00 -2.01 -22.21
C PRO C 179 20.85 -0.66 -22.89
N PRO C 180 20.55 -0.69 -24.20
CA PRO C 180 20.39 0.54 -25.00
C PRO C 180 19.17 1.39 -24.69
N MET C 181 19.18 2.58 -25.28
CA MET C 181 18.10 3.55 -25.17
C MET C 181 18.17 4.46 -26.39
N ASP C 182 17.02 4.95 -26.84
CA ASP C 182 16.95 5.86 -27.98
C ASP C 182 17.23 7.26 -27.45
N ILE C 183 18.52 7.57 -27.29
CA ILE C 183 18.96 8.87 -26.80
C ILE C 183 18.53 10.01 -27.72
N VAL C 184 18.46 9.73 -29.02
CA VAL C 184 18.03 10.71 -30.02
C VAL C 184 16.62 11.20 -29.70
N LYS C 185 15.71 10.26 -29.46
CA LYS C 185 14.32 10.58 -29.15
C LYS C 185 14.20 11.44 -27.89
N VAL C 186 14.87 11.04 -26.82
CA VAL C 186 14.78 11.80 -25.57
C VAL C 186 15.17 13.26 -25.73
N ARG C 187 16.29 13.51 -26.42
CA ARG C 187 16.72 14.87 -26.64
C ARG C 187 15.62 15.71 -27.28
N SER C 188 15.28 15.34 -28.50
CA SER C 188 14.26 16.04 -29.27
C SER C 188 12.92 16.22 -28.55
N THR C 189 12.84 15.71 -27.32
CA THR C 189 11.60 15.83 -26.57
C THR C 189 11.77 16.74 -25.36
N TYR C 190 12.87 16.57 -24.63
CA TYR C 190 13.09 17.36 -23.43
C TYR C 190 14.21 18.39 -23.50
N TRP C 191 15.20 18.14 -24.35
CA TRP C 191 16.30 19.07 -24.47
C TRP C 191 15.81 20.53 -24.50
N LYS C 192 16.22 21.30 -23.50
CA LYS C 192 15.83 22.70 -23.38
C LYS C 192 16.93 23.64 -23.87
N ASP C 193 16.61 24.93 -23.86
CA ASP C 193 17.56 25.94 -24.28
C ASP C 193 18.32 26.36 -23.01
N VAL C 194 19.64 26.40 -23.08
CA VAL C 194 20.47 26.78 -21.93
C VAL C 194 19.81 27.85 -21.08
N SER C 195 19.37 28.93 -21.71
CA SER C 195 18.72 30.04 -21.03
C SER C 195 17.60 29.61 -20.09
N GLU C 196 17.16 28.36 -20.20
CA GLU C 196 16.07 27.86 -19.37
C GLU C 196 16.57 26.98 -18.21
N ILE C 197 17.85 26.58 -18.27
CA ILE C 197 18.41 25.73 -17.25
C ILE C 197 18.92 26.46 -15.99
N ASN C 198 18.22 26.22 -14.89
CA ASN C 198 18.56 26.80 -13.59
C ASN C 198 19.85 26.15 -13.07
N MET C 199 20.95 26.90 -13.12
CA MET C 199 22.24 26.40 -12.68
C MET C 199 22.37 26.15 -11.18
N ASN C 200 21.37 26.58 -10.41
CA ASN C 200 21.40 26.41 -8.96
C ASN C 200 20.66 25.18 -8.46
N ILE C 201 20.33 24.28 -9.37
CA ILE C 201 19.63 23.06 -8.98
C ILE C 201 20.45 21.82 -9.33
N ASN C 202 20.72 21.00 -8.32
CA ASN C 202 21.47 19.77 -8.51
C ASN C 202 20.52 18.62 -8.26
N ARG C 203 20.31 17.80 -9.30
CA ARG C 203 19.40 16.67 -9.20
C ARG C 203 20.12 15.34 -9.27
N TRP C 204 19.83 14.50 -8.28
CA TRP C 204 20.40 13.16 -8.17
C TRP C 204 19.23 12.23 -8.45
N ILE C 205 19.43 11.20 -9.27
CA ILE C 205 18.35 10.24 -9.53
C ILE C 205 18.88 8.81 -9.36
N GLY C 206 18.06 7.95 -8.76
CA GLY C 206 18.44 6.58 -8.54
C GLY C 206 17.45 5.96 -7.57
N ARG C 207 17.92 5.10 -6.68
CA ARG C 207 17.02 4.51 -5.70
C ARG C 207 17.76 4.16 -4.42
N THR C 208 17.02 3.72 -3.41
CA THR C 208 17.63 3.47 -2.12
C THR C 208 18.48 2.22 -1.86
N THR C 209 19.60 2.12 -2.56
CA THR C 209 20.59 1.07 -2.33
C THR C 209 21.92 1.81 -2.38
N THR C 210 22.76 1.50 -1.40
CA THR C 210 24.05 2.13 -1.25
C THR C 210 24.96 2.35 -2.47
N TRP C 211 25.03 1.41 -3.40
CA TRP C 211 25.91 1.64 -4.55
C TRP C 211 25.38 2.68 -5.57
N LYS C 212 24.21 3.25 -5.33
CA LYS C 212 23.69 4.28 -6.23
C LYS C 212 24.34 5.60 -5.78
N GLY C 213 25.07 5.53 -4.68
CA GLY C 213 25.75 6.71 -4.16
C GLY C 213 24.91 7.80 -3.51
N PHE C 214 23.86 7.45 -2.77
CA PHE C 214 23.05 8.50 -2.14
C PHE C 214 23.70 9.17 -0.95
N TYR C 215 24.59 8.46 -0.27
CA TYR C 215 25.28 9.07 0.86
C TYR C 215 26.24 10.13 0.33
N GLN C 216 27.10 9.75 -0.61
CA GLN C 216 28.03 10.70 -1.21
C GLN C 216 27.31 11.96 -1.68
N MET C 217 26.03 11.81 -2.06
CA MET C 217 25.27 12.94 -2.51
C MET C 217 24.88 13.83 -1.34
N PHE C 218 24.41 13.22 -0.25
CA PHE C 218 24.02 13.95 0.95
C PHE C 218 25.20 14.71 1.54
N ASP C 219 26.38 14.10 1.42
CA ASP C 219 27.61 14.69 1.94
C ASP C 219 27.89 15.92 1.10
N PHE C 220 28.06 15.69 -0.20
CA PHE C 220 28.37 16.74 -1.18
C PHE C 220 27.51 17.99 -0.99
N HIS C 221 26.23 17.79 -0.75
CA HIS C 221 25.32 18.92 -0.55
C HIS C 221 25.70 19.66 0.72
N GLU C 222 25.86 18.90 1.80
CA GLU C 222 26.23 19.48 3.09
C GLU C 222 27.59 20.17 3.09
N LYS C 223 28.54 19.67 2.31
CA LYS C 223 29.86 20.29 2.26
C LYS C 223 30.07 21.38 1.22
N PHE C 224 29.31 21.35 0.12
CA PHE C 224 29.49 22.35 -0.92
C PHE C 224 28.21 23.00 -1.43
N LEU C 225 27.34 22.18 -1.99
CA LEU C 225 26.09 22.65 -2.56
C LEU C 225 25.24 23.54 -1.65
N LYS C 226 24.97 23.08 -0.44
CA LYS C 226 24.16 23.87 0.48
C LYS C 226 24.83 25.20 0.80
N PRO C 227 26.12 25.17 1.18
CA PRO C 227 26.88 26.38 1.51
C PRO C 227 26.72 27.49 0.47
N ALA C 228 26.94 27.15 -0.79
CA ALA C 228 26.83 28.11 -1.88
C ALA C 228 25.38 28.43 -2.22
N GLY C 229 24.49 28.32 -1.23
CA GLY C 229 23.08 28.62 -1.46
C GLY C 229 22.48 27.86 -2.64
N LYS C 230 23.18 26.81 -3.06
CA LYS C 230 22.72 25.97 -4.16
C LYS C 230 21.63 25.06 -3.62
N SER C 231 20.99 24.30 -4.49
CA SER C 231 19.95 23.42 -4.04
C SER C 231 20.20 21.99 -4.53
N THR C 232 19.67 21.03 -3.79
CA THR C 232 19.83 19.65 -4.16
C THR C 232 18.54 18.89 -4.11
N VAL C 233 18.30 18.14 -5.17
CA VAL C 233 17.11 17.32 -5.22
C VAL C 233 17.59 15.90 -5.49
N MET C 234 16.91 14.95 -4.86
CA MET C 234 17.20 13.54 -4.99
C MET C 234 15.87 12.82 -5.25
N GLU C 235 15.72 12.34 -6.47
CA GLU C 235 14.52 11.66 -6.89
C GLU C 235 14.65 10.13 -6.89
N GLY C 236 13.60 9.46 -6.43
CA GLY C 236 13.60 8.02 -6.44
C GLY C 236 13.86 7.27 -5.16
N LEU C 237 14.26 7.97 -4.09
CA LEU C 237 14.54 7.30 -2.83
C LEU C 237 13.27 6.78 -2.16
N GLU C 238 12.91 5.53 -2.47
CA GLU C 238 11.72 4.93 -1.86
C GLU C 238 12.06 4.67 -0.40
N ARG C 239 11.06 4.77 0.47
CA ARG C 239 11.28 4.56 1.89
C ARG C 239 11.21 3.08 2.26
N SER C 240 12.01 2.29 1.56
CA SER C 240 12.10 0.87 1.81
C SER C 240 12.95 0.77 3.09
N PRO C 241 13.11 -0.46 3.63
CA PRO C 241 13.91 -0.68 4.86
C PRO C 241 15.25 0.04 4.84
N ALA C 242 15.91 0.04 3.69
CA ALA C 242 17.19 0.73 3.53
C ALA C 242 17.10 2.19 3.95
N PHE C 243 15.93 2.80 3.75
CA PHE C 243 15.74 4.21 4.11
C PHE C 243 15.93 4.46 5.61
N ILE C 244 15.77 3.42 6.43
CA ILE C 244 15.92 3.54 7.88
C ILE C 244 17.33 3.97 8.29
N ALA C 245 18.32 3.58 7.52
CA ALA C 245 19.69 3.96 7.82
C ALA C 245 19.86 5.48 7.76
N ILE C 246 19.27 6.11 6.74
CA ILE C 246 19.36 7.56 6.56
C ILE C 246 18.81 8.26 7.79
N LYS C 247 17.73 7.70 8.35
CA LYS C 247 17.12 8.28 9.54
C LYS C 247 17.99 8.07 10.77
N GLU C 248 18.41 6.82 10.99
CA GLU C 248 19.25 6.49 12.13
C GLU C 248 20.52 7.36 12.18
N LYS C 249 20.97 7.85 11.03
CA LYS C 249 22.16 8.71 10.98
C LYS C 249 21.83 10.20 11.09
N GLY C 250 20.54 10.50 11.29
CA GLY C 250 20.10 11.87 11.43
C GLY C 250 20.39 12.84 10.31
N ILE C 251 20.51 12.35 9.08
CA ILE C 251 20.78 13.21 7.91
C ILE C 251 19.59 14.11 7.58
N PRO C 252 19.82 15.43 7.47
CA PRO C 252 18.76 16.41 7.16
C PRO C 252 18.15 16.28 5.75
N TYR C 253 16.82 16.26 5.69
CA TYR C 253 16.11 16.14 4.41
C TYR C 253 14.63 16.47 4.59
N GLU C 254 13.96 16.79 3.49
CA GLU C 254 12.51 17.09 3.48
C GLU C 254 11.90 16.16 2.45
N TYR C 255 10.96 15.32 2.86
CA TYR C 255 10.36 14.33 1.96
C TYR C 255 9.07 14.74 1.24
N TYR C 256 9.01 14.46 -0.05
CA TYR C 256 7.83 14.78 -0.87
C TYR C 256 7.39 13.59 -1.71
N GLY C 257 6.10 13.57 -2.03
CA GLY C 257 5.52 12.54 -2.87
C GLY C 257 5.29 13.20 -4.23
N ASN C 258 4.95 12.42 -5.25
CA ASN C 258 4.73 13.00 -6.57
C ASN C 258 3.63 14.06 -6.65
N ARG C 259 2.65 13.96 -5.76
CA ARG C 259 1.54 14.93 -5.76
C ARG C 259 1.89 16.17 -4.94
N GLU C 260 2.95 16.07 -4.13
CA GLU C 260 3.40 17.17 -3.29
C GLU C 260 4.69 17.77 -3.88
N ILE C 261 4.99 17.45 -5.13
CA ILE C 261 6.21 17.97 -5.75
C ILE C 261 6.16 19.48 -5.94
N ASP C 262 5.04 20.08 -5.57
CA ASP C 262 4.84 21.53 -5.70
C ASP C 262 5.30 22.23 -4.43
N LYS C 263 5.13 21.55 -3.31
CA LYS C 263 5.52 22.08 -2.02
C LYS C 263 7.05 22.07 -1.88
N MET C 264 7.72 21.42 -2.82
CA MET C 264 9.17 21.33 -2.75
C MET C 264 9.78 22.71 -2.61
N ASN C 265 10.70 22.83 -1.64
CA ASN C 265 11.39 24.09 -1.35
C ASN C 265 12.73 24.16 -2.08
N LEU C 266 12.74 24.87 -3.20
CA LEU C 266 13.95 24.99 -4.00
C LEU C 266 14.74 26.26 -3.69
N ALA C 267 14.66 26.72 -2.44
CA ALA C 267 15.34 27.93 -1.97
C ALA C 267 16.82 27.70 -1.65
N PRO C 268 17.53 28.74 -1.18
CA PRO C 268 18.96 28.62 -0.84
C PRO C 268 19.16 27.97 0.52
N ASN C 269 20.40 27.57 0.80
CA ASN C 269 20.76 26.90 2.06
C ASN C 269 19.55 26.19 2.67
N GLN C 270 19.20 25.06 2.06
CA GLN C 270 18.10 24.22 2.52
C GLN C 270 18.65 22.80 2.53
N PRO C 271 17.92 21.86 3.14
CA PRO C 271 18.43 20.49 3.18
C PRO C 271 17.97 19.79 1.91
N ALA C 272 18.58 18.66 1.59
CA ALA C 272 18.23 17.89 0.41
C ALA C 272 16.72 17.60 0.34
N GLN C 273 16.13 17.92 -0.81
CA GLN C 273 14.71 17.67 -1.03
C GLN C 273 14.66 16.28 -1.66
N ILE C 274 13.89 15.39 -1.07
CA ILE C 274 13.80 14.02 -1.55
C ILE C 274 12.43 13.68 -2.10
N LEU C 275 12.41 13.21 -3.33
CA LEU C 275 11.18 12.81 -3.99
C LEU C 275 11.25 11.29 -4.05
N ASP C 276 10.15 10.59 -3.80
CA ASP C 276 10.20 9.13 -3.86
C ASP C 276 10.01 8.61 -5.28
N CYS C 277 9.63 7.35 -5.42
CA CYS C 277 9.42 6.77 -6.73
C CYS C 277 8.73 7.79 -7.64
N TYR C 278 9.43 8.14 -8.70
CA TYR C 278 8.98 9.15 -9.65
C TYR C 278 8.61 8.61 -11.04
N ILE C 279 7.84 9.41 -11.77
CA ILE C 279 7.42 9.07 -13.13
C ILE C 279 8.61 9.39 -14.05
N ASN C 280 9.00 8.47 -14.91
CA ASN C 280 10.14 8.70 -15.77
C ASN C 280 10.03 9.92 -16.68
N SER C 281 8.87 10.10 -17.31
CA SER C 281 8.66 11.23 -18.21
C SER C 281 8.81 12.55 -17.45
N GLU C 282 8.04 12.68 -16.36
CA GLU C 282 8.10 13.88 -15.56
C GLU C 282 9.53 14.21 -15.12
N MET C 283 10.28 13.17 -14.75
CA MET C 283 11.66 13.35 -14.30
C MET C 283 12.51 13.95 -15.38
N LEU C 284 12.35 13.44 -16.60
CA LEU C 284 13.12 13.95 -17.73
C LEU C 284 12.85 15.44 -17.92
N GLU C 285 11.60 15.85 -17.66
CA GLU C 285 11.23 17.24 -17.80
C GLU C 285 11.93 18.09 -16.74
N ARG C 286 11.75 17.74 -15.48
CA ARG C 286 12.39 18.47 -14.38
C ARG C 286 13.91 18.52 -14.53
N MET C 287 14.48 17.48 -15.12
CA MET C 287 15.93 17.40 -15.29
C MET C 287 16.47 18.29 -16.38
N SER C 288 15.79 18.32 -17.52
CA SER C 288 16.19 19.16 -18.68
C SER C 288 16.35 20.62 -18.28
N LYS C 289 15.68 21.01 -17.20
CA LYS C 289 15.73 22.37 -16.68
C LYS C 289 16.56 22.40 -15.40
N SER C 290 17.55 21.53 -15.31
CA SER C 290 18.40 21.47 -14.11
C SER C 290 19.87 21.65 -14.46
N GLY C 291 20.51 22.59 -13.79
CA GLY C 291 21.91 22.83 -14.03
C GLY C 291 22.71 21.54 -13.98
N PHE C 292 22.55 20.74 -12.92
CA PHE C 292 23.33 19.51 -12.83
C PHE C 292 22.60 18.23 -12.43
N GLY C 293 23.00 17.14 -13.07
CA GLY C 293 22.40 15.84 -12.80
C GLY C 293 23.46 14.87 -12.29
N TYR C 294 23.13 14.17 -11.20
CA TYR C 294 24.05 13.22 -10.59
C TYR C 294 23.65 11.75 -10.69
N GLN C 295 24.62 10.94 -11.12
CA GLN C 295 24.45 9.49 -11.23
C GLN C 295 25.75 8.93 -10.68
N LEU C 296 25.74 8.61 -9.38
CA LEU C 296 26.92 8.14 -8.68
C LEU C 296 26.97 6.64 -8.37
N SER C 297 26.61 5.81 -9.33
CA SER C 297 26.64 4.36 -9.14
C SER C 297 28.08 3.91 -9.16
N LYS C 298 28.42 2.99 -8.25
CA LYS C 298 29.79 2.51 -8.11
C LYS C 298 29.88 0.98 -8.11
N LEU C 299 29.53 0.35 -9.21
CA LEU C 299 29.60 -1.12 -9.27
C LEU C 299 31.02 -1.69 -9.39
N ASN C 300 31.20 -2.90 -8.81
CA ASN C 300 32.49 -3.60 -8.81
C ASN C 300 32.90 -4.05 -10.22
N GLN C 301 34.15 -3.77 -10.60
CA GLN C 301 34.65 -4.09 -11.94
C GLN C 301 34.49 -5.53 -12.46
N LYS C 302 34.12 -6.46 -11.61
CA LYS C 302 33.94 -7.83 -12.10
C LYS C 302 32.82 -7.82 -13.14
N TYR C 303 31.67 -7.26 -12.74
CA TYR C 303 30.48 -7.18 -13.60
C TYR C 303 30.50 -5.94 -14.50
N LEU C 304 31.66 -5.28 -14.54
CA LEU C 304 31.83 -4.07 -15.35
C LEU C 304 32.54 -4.32 -16.67
N GLN C 305 31.91 -3.88 -17.76
CA GLN C 305 32.50 -4.01 -19.07
C GLN C 305 32.16 -2.79 -19.93
N ARG C 306 30.95 -2.74 -20.46
CA ARG C 306 30.55 -1.60 -21.29
C ARG C 306 29.19 -1.04 -20.92
N SER C 307 28.46 -1.74 -20.06
CA SER C 307 27.12 -1.32 -19.70
C SER C 307 26.96 -0.18 -18.71
N LEU C 308 26.38 0.92 -19.17
CA LEU C 308 26.08 2.02 -18.29
C LEU C 308 24.64 1.73 -17.91
N GLU C 309 24.08 2.52 -16.99
CA GLU C 309 22.71 2.33 -16.54
C GLU C 309 21.75 3.35 -17.15
N TYR C 310 20.49 2.98 -17.29
CA TYR C 310 19.52 3.89 -17.87
C TYR C 310 19.60 5.33 -17.34
N THR C 311 19.72 5.50 -16.03
CA THR C 311 19.80 6.85 -15.46
C THR C 311 21.06 7.57 -15.90
N HIS C 312 22.04 6.80 -16.36
CA HIS C 312 23.28 7.38 -16.86
C HIS C 312 22.98 8.03 -18.22
N LEU C 313 22.31 7.29 -19.10
CA LEU C 313 21.99 7.75 -20.42
C LEU C 313 20.87 8.77 -20.47
N GLU C 314 20.04 8.82 -19.42
CA GLU C 314 18.94 9.77 -19.38
C GLU C 314 19.40 11.17 -19.03
N LEU C 315 20.63 11.28 -18.54
CA LEU C 315 21.19 12.57 -18.15
C LEU C 315 21.85 13.25 -19.33
N GLY C 316 22.60 12.49 -20.12
CA GLY C 316 23.25 13.07 -21.28
C GLY C 316 22.25 13.38 -22.37
N ALA C 317 21.07 12.77 -22.26
CA ALA C 317 20.02 12.93 -23.25
C ALA C 317 19.02 14.07 -23.01
N CYS C 318 18.68 14.33 -21.76
CA CYS C 318 17.72 15.37 -21.45
C CYS C 318 18.32 16.78 -21.59
N GLY C 319 19.65 16.85 -21.66
CA GLY C 319 20.30 18.13 -21.83
C GLY C 319 20.87 18.80 -20.59
N THR C 320 21.59 18.04 -19.77
CA THR C 320 22.19 18.61 -18.55
C THR C 320 23.60 18.08 -18.41
N ILE C 321 24.40 18.71 -17.56
CA ILE C 321 25.75 18.20 -17.38
C ILE C 321 25.65 16.99 -16.47
N PRO C 322 26.23 15.86 -16.90
CA PRO C 322 26.21 14.61 -16.14
C PRO C 322 27.39 14.47 -15.17
N VAL C 323 27.09 14.25 -13.90
CA VAL C 323 28.13 14.04 -12.91
C VAL C 323 28.06 12.55 -12.63
N PHE C 324 29.05 11.80 -13.13
CA PHE C 324 29.10 10.36 -12.93
C PHE C 324 30.21 10.03 -11.95
N TRP C 325 30.10 8.86 -11.32
CA TRP C 325 31.09 8.38 -10.36
C TRP C 325 32.42 8.13 -11.06
N LYS C 326 33.48 8.74 -10.55
CA LYS C 326 34.80 8.61 -11.13
C LYS C 326 35.33 7.19 -11.39
N SER C 327 35.24 6.28 -10.43
CA SER C 327 35.78 4.94 -10.67
C SER C 327 34.98 4.05 -11.62
N THR C 328 33.73 4.43 -11.90
CA THR C 328 32.91 3.64 -12.80
C THR C 328 33.39 3.92 -14.22
N GLY C 329 33.68 5.19 -14.49
CA GLY C 329 34.16 5.57 -15.79
C GLY C 329 35.52 4.92 -16.02
N GLU C 330 36.30 4.81 -14.95
CA GLU C 330 37.62 4.20 -15.05
C GLU C 330 37.52 2.71 -15.28
N ASN C 331 36.36 2.12 -15.03
CA ASN C 331 36.22 0.68 -15.23
C ASN C 331 35.43 0.22 -16.44
N LEU C 332 34.55 1.08 -16.95
CA LEU C 332 33.77 0.71 -18.12
C LEU C 332 34.49 1.11 -19.40
N LYS C 333 34.42 0.24 -20.40
CA LYS C 333 35.05 0.48 -21.70
C LYS C 333 34.07 1.19 -22.64
N PHE C 334 34.59 2.03 -23.52
CA PHE C 334 33.77 2.75 -24.49
C PHE C 334 33.48 1.73 -25.57
N ARG C 335 32.24 1.75 -26.09
CA ARG C 335 31.81 0.80 -27.11
C ARG C 335 32.65 0.70 -28.39
N VAL C 336 33.15 1.83 -28.86
CA VAL C 336 33.92 1.84 -30.10
C VAL C 336 35.37 1.37 -30.04
N ASP C 337 36.15 1.91 -29.12
CA ASP C 337 37.56 1.49 -29.04
C ASP C 337 37.91 0.55 -27.92
N ASN C 338 36.97 0.36 -26.99
CA ASN C 338 37.18 -0.53 -25.85
C ASN C 338 38.16 0.08 -24.85
N THR C 339 38.06 1.38 -24.63
CA THR C 339 38.96 2.06 -23.71
C THR C 339 38.14 2.77 -22.63
N PRO C 340 38.76 3.04 -21.47
CA PRO C 340 38.11 3.72 -20.35
C PRO C 340 37.32 4.95 -20.77
N LEU C 341 36.11 5.09 -20.24
CA LEU C 341 35.25 6.22 -20.57
C LEU C 341 35.85 7.54 -20.10
N THR C 342 36.60 7.46 -19.00
CA THR C 342 37.24 8.64 -18.42
C THR C 342 38.40 9.15 -19.28
N SER C 343 38.84 8.32 -20.22
CA SER C 343 39.94 8.68 -21.11
C SER C 343 39.41 9.19 -22.47
N HIS C 344 38.45 10.12 -22.40
CA HIS C 344 37.83 10.73 -23.60
C HIS C 344 37.36 12.13 -23.18
N ASP C 345 37.07 12.99 -24.15
CA ASP C 345 36.59 14.33 -23.80
C ASP C 345 35.07 14.34 -23.96
N SER C 346 34.40 13.75 -22.99
CA SER C 346 32.95 13.63 -22.98
C SER C 346 32.22 14.83 -22.37
N GLY C 347 32.96 15.67 -21.66
CA GLY C 347 32.32 16.81 -21.04
C GLY C 347 31.60 16.30 -19.81
N ILE C 348 31.85 15.04 -19.49
CA ILE C 348 31.24 14.40 -18.32
C ILE C 348 32.08 14.73 -17.09
N ILE C 349 31.44 15.31 -16.08
CA ILE C 349 32.15 15.66 -14.85
C ILE C 349 32.22 14.40 -14.00
N TRP C 350 33.44 13.87 -13.82
CA TRP C 350 33.62 12.69 -13.00
C TRP C 350 33.77 13.07 -11.52
N PHE C 351 32.78 12.67 -10.74
CA PHE C 351 32.74 12.95 -9.31
C PHE C 351 33.75 12.10 -8.56
N ASP C 352 34.59 12.74 -7.76
CA ASP C 352 35.60 12.03 -6.97
C ASP C 352 35.40 12.25 -5.47
N GLU C 353 35.11 11.16 -4.74
CA GLU C 353 34.89 11.22 -3.31
C GLU C 353 36.15 11.66 -2.56
N ASN C 354 37.30 11.52 -3.23
CA ASN C 354 38.59 11.89 -2.65
C ASN C 354 39.13 13.19 -3.28
N ASP C 355 38.22 14.15 -3.49
CA ASP C 355 38.55 15.45 -4.07
C ASP C 355 37.24 16.13 -4.48
N MET C 356 36.29 16.16 -3.57
CA MET C 356 34.99 16.77 -3.85
C MET C 356 35.04 18.27 -4.16
N GLU C 357 36.12 18.94 -3.75
CA GLU C 357 36.23 20.37 -4.02
C GLU C 357 36.60 20.61 -5.48
N SER C 358 37.47 19.77 -6.01
CA SER C 358 37.88 19.87 -7.41
C SER C 358 36.68 19.63 -8.34
N THR C 359 35.81 18.73 -7.91
CA THR C 359 34.60 18.38 -8.66
C THR C 359 33.65 19.57 -8.59
N PHE C 360 33.72 20.30 -7.47
CA PHE C 360 32.88 21.47 -7.30
C PHE C 360 33.43 22.61 -8.18
N GLU C 361 34.72 22.56 -8.51
CA GLU C 361 35.33 23.59 -9.34
C GLU C 361 34.67 23.56 -10.73
N ARG C 362 34.81 22.41 -11.39
CA ARG C 362 34.28 22.19 -12.72
C ARG C 362 32.78 22.45 -12.79
N ILE C 363 32.13 22.59 -11.64
CA ILE C 363 30.68 22.86 -11.61
C ILE C 363 30.36 24.36 -11.62
N LYS C 364 30.84 25.12 -10.63
CA LYS C 364 30.58 26.57 -10.60
C LYS C 364 31.08 27.12 -11.94
N GLU C 365 32.22 26.57 -12.37
CA GLU C 365 32.88 26.91 -13.62
C GLU C 365 31.85 27.01 -14.75
N LEU C 366 31.31 25.85 -15.12
CA LEU C 366 30.32 25.77 -16.19
C LEU C 366 28.99 26.42 -15.80
N SER C 367 28.83 26.72 -14.53
CA SER C 367 27.59 27.31 -14.03
C SER C 367 27.54 28.84 -14.15
N SER C 368 28.60 29.43 -14.69
CA SER C 368 28.68 30.88 -14.86
C SER C 368 28.70 31.22 -16.35
N ASP C 369 29.57 30.52 -17.07
CA ASP C 369 29.72 30.71 -18.50
C ASP C 369 28.76 29.76 -19.21
N ARG C 370 27.47 30.08 -19.17
CA ARG C 370 26.46 29.24 -19.80
C ARG C 370 26.83 28.85 -21.22
N ALA C 371 27.79 29.56 -21.79
CA ALA C 371 28.23 29.26 -23.15
C ALA C 371 29.02 27.97 -23.13
N LEU C 372 29.81 27.79 -22.08
CA LEU C 372 30.65 26.59 -21.93
C LEU C 372 29.75 25.42 -21.57
N TYR C 373 28.91 25.62 -20.57
CA TYR C 373 27.98 24.60 -20.12
C TYR C 373 27.29 23.96 -21.30
N ASP C 374 26.95 24.78 -22.31
CA ASP C 374 26.26 24.29 -23.49
C ASP C 374 27.17 23.65 -24.54
N ARG C 375 28.47 23.85 -24.43
CA ARG C 375 29.40 23.24 -25.38
C ARG C 375 29.90 21.94 -24.76
N GLU C 376 29.50 21.70 -23.52
CA GLU C 376 29.87 20.51 -22.79
C GLU C 376 28.74 19.50 -22.81
N ARG C 377 27.52 19.99 -22.57
CA ARG C 377 26.36 19.12 -22.57
C ARG C 377 26.13 18.56 -23.95
N GLU C 378 26.75 19.18 -24.95
CA GLU C 378 26.65 18.71 -26.32
C GLU C 378 27.69 17.62 -26.50
N LYS C 379 28.82 17.75 -25.81
CA LYS C 379 29.88 16.78 -25.93
C LYS C 379 29.53 15.43 -25.26
N ALA C 380 28.78 15.48 -24.17
CA ALA C 380 28.39 14.28 -23.46
C ALA C 380 27.30 13.52 -24.22
N TYR C 381 26.32 14.26 -24.71
CA TYR C 381 25.24 13.67 -25.47
C TYR C 381 25.77 12.87 -26.65
N GLU C 382 26.74 13.42 -27.37
CA GLU C 382 27.31 12.71 -28.50
C GLU C 382 28.04 11.47 -28.02
N PHE C 383 28.80 11.64 -26.93
CA PHE C 383 29.56 10.53 -26.35
C PHE C 383 28.65 9.40 -25.90
N LEU C 384 27.62 9.72 -25.13
CA LEU C 384 26.70 8.70 -24.65
C LEU C 384 25.90 8.11 -25.80
N TYR C 385 25.61 8.93 -26.80
CA TYR C 385 24.87 8.50 -27.98
C TYR C 385 25.69 7.41 -28.68
N GLN C 386 26.96 7.69 -28.95
CA GLN C 386 27.82 6.72 -29.61
C GLN C 386 28.00 5.48 -28.77
N HIS C 387 27.83 5.63 -27.46
CA HIS C 387 28.05 4.50 -26.56
C HIS C 387 26.95 3.49 -26.33
N GLN C 388 25.71 3.96 -26.21
CA GLN C 388 24.62 3.04 -25.90
C GLN C 388 23.28 3.37 -26.54
N ASP C 389 23.29 4.03 -27.69
CA ASP C 389 22.01 4.33 -28.33
C ASP C 389 21.47 3.04 -28.92
N SER C 390 20.15 2.93 -28.95
CA SER C 390 19.49 1.74 -29.48
C SER C 390 19.93 1.43 -30.91
N SER C 391 20.06 2.48 -31.71
CA SER C 391 20.46 2.34 -33.10
C SER C 391 21.67 1.43 -33.26
N PHE C 392 22.68 1.63 -32.41
CA PHE C 392 23.89 0.82 -32.49
C PHE C 392 23.80 -0.51 -31.75
N CYS C 393 23.43 -0.46 -30.47
CA CYS C 393 23.38 -1.64 -29.62
C CYS C 393 22.41 -2.75 -29.94
N PHE C 394 21.18 -2.40 -30.26
CA PHE C 394 20.18 -3.40 -30.58
C PHE C 394 20.49 -4.06 -31.91
N LYS C 395 21.07 -3.29 -32.83
CA LYS C 395 21.44 -3.81 -34.15
C LYS C 395 22.53 -4.84 -33.89
N GLU C 396 23.39 -4.50 -32.95
CA GLU C 396 24.50 -5.36 -32.53
C GLU C 396 23.88 -6.68 -32.04
N GLN C 397 23.01 -6.57 -31.05
CA GLN C 397 22.33 -7.73 -30.45
C GLN C 397 21.42 -8.49 -31.42
N PHE C 398 20.83 -7.79 -32.39
CA PHE C 398 19.95 -8.45 -33.37
C PHE C 398 20.76 -9.31 -34.32
N ASP C 399 21.97 -8.87 -34.66
CA ASP C 399 22.81 -9.64 -35.55
C ASP C 399 23.23 -10.94 -34.87
N ILE C 400 23.48 -10.92 -33.58
CA ILE C 400 23.87 -12.15 -32.88
C ILE C 400 22.70 -13.13 -32.68
N ILE C 401 21.52 -12.59 -32.43
CA ILE C 401 20.32 -13.39 -32.24
C ILE C 401 19.95 -14.11 -33.53
N THR C 402 20.10 -13.41 -34.66
CA THR C 402 19.76 -13.99 -35.95
C THR C 402 20.97 -14.55 -36.69
N LYS C 403 22.13 -14.45 -36.07
CA LYS C 403 23.37 -14.98 -36.66
C LYS C 403 23.14 -16.39 -37.17
N MET D 1 -32.27 18.38 40.34
CA MET D 1 -31.93 17.53 39.16
C MET D 1 -30.62 16.80 39.40
N GLY D 2 -29.58 17.21 38.66
CA GLY D 2 -28.27 16.59 38.78
C GLY D 2 -27.74 16.24 37.40
N SER D 3 -28.64 16.26 36.43
CA SER D 3 -28.31 15.94 35.04
C SER D 3 -27.48 17.05 34.42
N MET D 4 -27.01 16.80 33.20
CA MET D 4 -26.22 17.77 32.46
C MET D 4 -26.60 17.74 30.99
N ARG D 5 -26.13 18.75 30.24
CA ARG D 5 -26.37 18.82 28.80
C ARG D 5 -25.17 18.13 28.16
N ILE D 6 -25.44 17.11 27.35
CA ILE D 6 -24.36 16.40 26.70
C ILE D 6 -24.45 16.58 25.20
N CYS D 7 -23.41 17.15 24.59
CA CYS D 7 -23.41 17.30 23.15
C CYS D 7 -22.33 16.40 22.60
N ILE D 8 -22.74 15.41 21.81
CA ILE D 8 -21.81 14.49 21.17
C ILE D 8 -21.52 15.01 19.78
N PHE D 9 -20.23 15.23 19.48
CA PHE D 9 -19.82 15.78 18.19
C PHE D 9 -18.95 14.85 17.33
N MET D 10 -19.39 14.59 16.11
CA MET D 10 -18.62 13.77 15.20
C MET D 10 -18.24 14.72 14.07
N ALA D 11 -17.03 15.26 14.18
CA ALA D 11 -16.54 16.22 13.20
C ALA D 11 -16.05 15.62 11.89
N ARG D 12 -15.84 14.30 11.86
CA ARG D 12 -15.40 13.66 10.62
C ARG D 12 -16.62 13.40 9.74
N GLY D 13 -17.79 13.38 10.36
CA GLY D 13 -19.00 13.10 9.62
C GLY D 13 -19.56 11.80 10.17
N LEU D 14 -20.59 11.29 9.52
CA LEU D 14 -21.21 10.07 9.98
C LEU D 14 -20.93 8.91 9.04
N GLU D 15 -19.81 8.22 9.29
CA GLU D 15 -19.39 7.10 8.47
C GLU D 15 -20.33 5.88 8.53
N GLY D 16 -20.99 5.68 9.66
CA GLY D 16 -21.89 4.54 9.78
C GLY D 16 -21.26 3.26 10.27
N CYS D 17 -20.11 3.37 10.93
CA CYS D 17 -19.43 2.21 11.47
C CYS D 17 -19.32 2.30 13.00
N GLY D 18 -18.23 1.77 13.55
CA GLY D 18 -18.04 1.78 14.98
C GLY D 18 -18.19 3.11 15.70
N VAL D 19 -17.58 4.16 15.17
CA VAL D 19 -17.70 5.45 15.83
C VAL D 19 -19.15 5.92 15.87
N THR D 20 -19.89 5.71 14.78
CA THR D 20 -21.29 6.12 14.76
C THR D 20 -22.02 5.24 15.77
N LYS D 21 -21.73 3.95 15.73
CA LYS D 21 -22.34 2.99 16.65
C LYS D 21 -22.06 3.43 18.07
N PHE D 22 -20.82 3.79 18.35
CA PHE D 22 -20.46 4.23 19.70
C PHE D 22 -21.24 5.48 20.08
N SER D 23 -21.27 6.44 19.17
CA SER D 23 -21.99 7.69 19.41
C SER D 23 -23.43 7.44 19.81
N LEU D 24 -24.11 6.61 19.03
CA LEU D 24 -25.52 6.32 19.30
C LEU D 24 -25.71 5.60 20.63
N GLU D 25 -24.84 4.64 20.93
CA GLU D 25 -24.95 3.92 22.20
C GLU D 25 -24.70 4.90 23.34
N GLN D 26 -23.80 5.84 23.09
CA GLN D 26 -23.46 6.84 24.07
C GLN D 26 -24.70 7.70 24.36
N ARG D 27 -25.34 8.21 23.32
CA ARG D 27 -26.53 9.03 23.48
C ARG D 27 -27.63 8.31 24.27
N ASP D 28 -27.79 7.01 24.03
CA ASP D 28 -28.80 6.26 24.72
C ASP D 28 -28.51 6.11 26.20
N TRP D 29 -27.27 5.81 26.54
CA TRP D 29 -26.90 5.66 27.94
C TRP D 29 -27.16 6.95 28.72
N PHE D 30 -26.75 8.09 28.19
CA PHE D 30 -26.98 9.36 28.87
C PHE D 30 -28.46 9.65 29.06
N ILE D 31 -29.20 9.70 27.95
CA ILE D 31 -30.63 9.96 28.00
C ILE D 31 -31.27 9.02 29.02
N LYS D 32 -30.93 7.74 28.91
CA LYS D 32 -31.41 6.70 29.81
C LYS D 32 -31.15 7.05 31.27
N ASN D 33 -29.99 7.66 31.53
CA ASN D 33 -29.61 8.03 32.88
C ASN D 33 -30.02 9.45 33.28
N GLY D 34 -30.96 10.00 32.52
CA GLY D 34 -31.49 11.33 32.82
C GLY D 34 -30.72 12.56 32.36
N HIS D 35 -30.05 12.48 31.21
CA HIS D 35 -29.31 13.62 30.71
C HIS D 35 -29.91 14.09 29.39
N GLU D 36 -29.56 15.31 29.00
CA GLU D 36 -30.04 15.85 27.73
C GLU D 36 -28.92 15.67 26.72
N VAL D 37 -29.25 15.19 25.53
CA VAL D 37 -28.23 14.94 24.53
C VAL D 37 -28.57 15.42 23.13
N THR D 38 -27.64 16.17 22.54
CA THR D 38 -27.81 16.61 21.16
C THR D 38 -26.65 15.91 20.45
N LEU D 39 -26.95 15.26 19.32
CA LEU D 39 -25.94 14.54 18.56
C LEU D 39 -25.67 15.32 17.29
N VAL D 40 -24.49 15.93 17.21
CA VAL D 40 -24.12 16.74 16.05
C VAL D 40 -23.00 16.10 15.21
N TYR D 41 -23.08 16.27 13.89
CA TYR D 41 -22.03 15.76 13.01
C TYR D 41 -21.83 16.66 11.79
N ALA D 42 -20.65 16.55 11.18
CA ALA D 42 -20.30 17.33 10.00
C ALA D 42 -20.79 16.66 8.72
N LYS D 43 -21.79 17.27 8.09
CA LYS D 43 -22.38 16.76 6.86
C LYS D 43 -21.44 16.95 5.66
N ASP D 44 -20.33 17.64 5.89
CA ASP D 44 -19.34 17.93 4.84
C ASP D 44 -19.04 16.72 3.95
N LYS D 45 -18.26 15.78 4.48
CA LYS D 45 -17.90 14.57 3.73
C LYS D 45 -19.01 13.51 3.83
N SER D 46 -19.26 12.81 2.73
CA SER D 46 -20.28 11.77 2.71
C SER D 46 -19.64 10.37 2.69
N PHE D 47 -20.41 9.38 3.17
CA PHE D 47 -19.95 7.99 3.23
C PHE D 47 -21.02 7.02 2.70
N THR D 48 -20.67 5.74 2.74
CA THR D 48 -21.54 4.67 2.26
C THR D 48 -22.53 4.19 3.33
N ARG D 49 -21.98 3.65 4.40
CA ARG D 49 -22.76 3.12 5.51
C ARG D 49 -23.49 4.18 6.34
N THR D 50 -23.64 5.37 5.77
CA THR D 50 -24.30 6.47 6.47
C THR D 50 -25.77 6.16 6.83
N SER D 51 -26.22 4.94 6.52
CA SER D 51 -27.59 4.52 6.82
C SER D 51 -27.69 3.19 7.56
N SER D 52 -26.54 2.64 7.94
CA SER D 52 -26.49 1.37 8.64
C SER D 52 -27.19 1.42 9.99
N HIS D 53 -27.12 2.59 10.63
CA HIS D 53 -27.75 2.78 11.92
C HIS D 53 -28.81 3.88 11.79
N ASP D 54 -29.85 3.82 12.61
CA ASP D 54 -30.88 4.85 12.52
C ASP D 54 -30.58 6.04 13.42
N HIS D 55 -30.41 7.20 12.79
CA HIS D 55 -30.11 8.43 13.50
C HIS D 55 -30.98 9.58 13.02
N LYS D 56 -31.54 9.44 11.82
CA LYS D 56 -32.35 10.51 11.23
C LYS D 56 -33.25 11.36 12.14
N SER D 57 -33.95 10.73 13.07
CA SER D 57 -34.86 11.48 13.95
C SER D 57 -34.23 12.37 15.03
N PHE D 58 -32.92 12.56 15.00
CA PHE D 58 -32.29 13.41 16.01
C PHE D 58 -30.89 13.94 15.67
N SER D 59 -30.14 13.21 14.87
CA SER D 59 -28.81 13.69 14.52
C SER D 59 -28.97 15.06 13.90
N ILE D 60 -28.10 15.98 14.29
CA ILE D 60 -28.13 17.35 13.79
C ILE D 60 -26.92 17.57 12.92
N PRO D 61 -27.11 17.50 11.59
CA PRO D 61 -25.96 17.73 10.71
C PRO D 61 -25.54 19.20 10.73
N VAL D 62 -24.47 19.52 10.03
CA VAL D 62 -23.97 20.88 9.97
C VAL D 62 -22.79 20.86 9.03
N ILE D 63 -22.73 21.85 8.15
CA ILE D 63 -21.66 21.93 7.20
C ILE D 63 -20.62 22.89 7.77
N LEU D 64 -19.61 22.35 8.44
CA LEU D 64 -18.57 23.17 9.05
C LEU D 64 -18.14 24.38 8.22
N ALA D 65 -17.64 24.14 7.02
CA ALA D 65 -17.17 25.22 6.16
C ALA D 65 -18.11 26.42 6.03
N LYS D 66 -19.38 26.17 5.71
CA LYS D 66 -20.35 27.23 5.51
C LYS D 66 -21.18 27.71 6.70
N GLU D 67 -21.29 26.89 7.74
CA GLU D 67 -22.13 27.26 8.89
C GLU D 67 -21.45 27.27 10.26
N TYR D 68 -20.38 28.04 10.39
CA TYR D 68 -19.65 28.15 11.63
C TYR D 68 -20.53 28.66 12.78
N ASP D 69 -21.32 29.71 12.52
CA ASP D 69 -22.19 30.29 13.54
C ASP D 69 -23.07 29.19 14.15
N LYS D 70 -23.74 28.43 13.28
CA LYS D 70 -24.60 27.33 13.66
C LYS D 70 -23.87 26.34 14.57
N ALA D 71 -22.73 25.82 14.09
CA ALA D 71 -21.97 24.85 14.89
C ALA D 71 -21.43 25.44 16.19
N LEU D 72 -21.04 26.71 16.18
CA LEU D 72 -20.50 27.33 17.38
C LEU D 72 -21.55 27.41 18.48
N LYS D 73 -22.80 27.64 18.09
CA LYS D 73 -23.87 27.72 19.08
C LYS D 73 -24.07 26.33 19.69
N LEU D 74 -24.14 25.34 18.80
CA LEU D 74 -24.35 23.95 19.20
C LEU D 74 -23.40 23.39 20.26
N VAL D 75 -22.10 23.43 19.97
CA VAL D 75 -21.11 22.90 20.90
C VAL D 75 -20.92 23.76 22.14
N ASN D 76 -21.53 24.93 22.18
CA ASN D 76 -21.42 25.79 23.35
C ASN D 76 -22.69 25.70 24.19
N ASP D 77 -23.69 25.00 23.66
CA ASP D 77 -24.95 24.81 24.34
C ASP D 77 -24.91 23.50 25.14
N CYS D 78 -23.87 23.31 25.94
CA CYS D 78 -23.77 22.08 26.72
C CYS D 78 -22.85 22.21 27.92
N ASP D 79 -22.88 21.21 28.78
CA ASP D 79 -22.04 21.17 29.96
C ASP D 79 -20.80 20.36 29.62
N ILE D 80 -21.00 19.27 28.88
CA ILE D 80 -19.90 18.41 28.43
C ILE D 80 -19.96 18.13 26.94
N LEU D 81 -18.90 18.49 26.23
CA LEU D 81 -18.80 18.27 24.80
C LEU D 81 -17.93 17.04 24.55
N ILE D 82 -18.52 16.00 23.97
CA ILE D 82 -17.77 14.80 23.65
C ILE D 82 -17.44 14.84 22.17
N ILE D 83 -16.16 14.78 21.84
CA ILE D 83 -15.74 14.79 20.43
C ILE D 83 -15.28 13.37 20.13
N ASN D 84 -16.01 12.68 19.25
CA ASN D 84 -15.67 11.30 18.88
C ASN D 84 -14.96 11.15 17.55
N SER D 85 -14.78 12.23 16.82
CA SER D 85 -14.13 12.15 15.52
C SER D 85 -13.76 13.54 15.05
N VAL D 86 -12.81 13.63 14.13
CA VAL D 86 -12.36 14.93 13.62
C VAL D 86 -12.26 14.89 12.09
N PRO D 87 -12.29 16.06 11.44
CA PRO D 87 -12.21 16.14 9.97
C PRO D 87 -11.20 15.20 9.35
N ALA D 88 -11.51 14.73 8.14
CA ALA D 88 -10.66 13.82 7.38
C ALA D 88 -9.64 14.63 6.57
N THR D 89 -8.49 14.04 6.25
CA THR D 89 -7.44 14.72 5.48
C THR D 89 -7.89 15.13 4.07
N SER D 90 -9.16 14.91 3.75
CA SER D 90 -9.66 15.26 2.43
C SER D 90 -10.62 16.44 2.39
N VAL D 91 -11.14 16.87 3.54
CA VAL D 91 -12.08 17.99 3.56
C VAL D 91 -11.40 19.26 3.08
N GLN D 92 -12.22 20.22 2.65
CA GLN D 92 -11.71 21.50 2.17
C GLN D 92 -11.22 22.38 3.30
N GLU D 93 -10.47 23.43 2.95
CA GLU D 93 -9.92 24.34 3.93
C GLU D 93 -10.95 25.02 4.83
N ALA D 94 -12.08 25.41 4.26
CA ALA D 94 -13.11 26.05 5.07
C ALA D 94 -13.51 25.11 6.20
N THR D 95 -13.58 23.82 5.89
CA THR D 95 -13.97 22.81 6.88
C THR D 95 -12.94 22.64 8.02
N ILE D 96 -11.71 22.28 7.68
CA ILE D 96 -10.71 22.09 8.72
C ILE D 96 -10.42 23.40 9.44
N ASN D 97 -10.55 24.53 8.73
CA ASN D 97 -10.31 25.83 9.31
C ASN D 97 -11.39 26.21 10.31
N ASN D 98 -12.65 26.16 9.89
CA ASN D 98 -13.73 26.51 10.81
C ASN D 98 -13.83 25.50 11.94
N TYR D 99 -13.19 24.35 11.76
CA TYR D 99 -13.22 23.35 12.81
C TYR D 99 -12.24 23.78 13.90
N LYS D 100 -11.00 24.06 13.51
CA LYS D 100 -9.99 24.49 14.48
C LYS D 100 -10.50 25.75 15.18
N LYS D 101 -11.31 26.55 14.48
CA LYS D 101 -11.84 27.78 15.03
C LYS D 101 -12.79 27.52 16.19
N LEU D 102 -13.57 26.45 16.11
CA LEU D 102 -14.50 26.11 17.19
C LEU D 102 -13.74 25.72 18.45
N LEU D 103 -12.65 24.96 18.29
CA LEU D 103 -11.86 24.52 19.43
C LEU D 103 -11.21 25.67 20.18
N ASP D 104 -11.56 26.89 19.79
CA ASP D 104 -11.05 28.10 20.44
C ASP D 104 -12.16 28.94 21.01
N ASN D 105 -13.36 28.77 20.48
CA ASN D 105 -14.52 29.53 20.94
C ASN D 105 -15.46 28.69 21.80
N ILE D 106 -14.89 27.72 22.51
CA ILE D 106 -15.67 26.89 23.41
C ILE D 106 -15.51 27.46 24.81
N LYS D 107 -16.62 27.83 25.46
CA LYS D 107 -16.57 28.37 26.82
C LYS D 107 -15.56 27.59 27.65
N PRO D 108 -14.68 28.29 28.39
CA PRO D 108 -13.65 27.70 29.25
C PRO D 108 -14.18 26.70 30.28
N SER D 109 -15.44 26.89 30.65
CA SER D 109 -16.10 26.04 31.62
C SER D 109 -16.41 24.65 31.05
N ILE D 110 -17.16 24.60 29.96
CA ILE D 110 -17.52 23.34 29.30
C ILE D 110 -16.38 22.31 29.33
N ARG D 111 -16.65 21.15 29.92
CA ARG D 111 -15.65 20.08 30.01
C ARG D 111 -15.58 19.29 28.71
N VAL D 112 -14.47 19.43 27.99
CA VAL D 112 -14.26 18.75 26.71
C VAL D 112 -13.68 17.33 26.83
N VAL D 113 -14.37 16.35 26.26
CA VAL D 113 -13.91 14.97 26.30
C VAL D 113 -13.62 14.42 24.92
N VAL D 114 -12.38 14.03 24.68
CA VAL D 114 -12.01 13.49 23.39
C VAL D 114 -11.84 11.97 23.44
N TYR D 115 -12.56 11.28 22.57
CA TYR D 115 -12.45 9.82 22.46
C TYR D 115 -11.67 9.54 21.19
N GLN D 116 -10.55 8.83 21.32
CA GLN D 116 -9.74 8.47 20.16
C GLN D 116 -10.18 7.04 19.90
N HIS D 117 -10.70 6.79 18.70
CA HIS D 117 -11.20 5.47 18.38
C HIS D 117 -10.31 4.60 17.54
N ASP D 118 -9.25 5.16 16.97
CA ASP D 118 -8.35 4.41 16.11
C ASP D 118 -7.35 3.49 16.80
N HIS D 119 -6.80 2.56 16.02
CA HIS D 119 -5.76 1.64 16.49
C HIS D 119 -4.61 1.99 15.57
N SER D 120 -4.69 1.39 14.38
CA SER D 120 -3.70 1.60 13.33
C SER D 120 -3.25 3.06 13.23
N VAL D 121 -1.93 3.26 13.13
CA VAL D 121 -1.37 4.59 12.99
C VAL D 121 -1.78 5.13 11.62
N LEU D 122 -1.98 4.22 10.68
CA LEU D 122 -2.38 4.60 9.33
C LEU D 122 -3.78 5.25 9.30
N SER D 123 -4.56 5.00 10.34
CA SER D 123 -5.90 5.59 10.45
C SER D 123 -5.77 6.97 11.07
N LEU D 124 -4.95 7.05 12.13
CA LEU D 124 -4.71 8.32 12.83
C LEU D 124 -4.17 9.41 11.90
N ARG D 125 -3.42 8.99 10.87
CA ARG D 125 -2.84 9.92 9.91
C ARG D 125 -3.88 10.56 8.99
N ARG D 126 -5.07 9.94 8.92
CA ARG D 126 -6.13 10.45 8.07
C ARG D 126 -7.00 11.51 8.78
N ASN D 127 -6.51 11.98 9.93
CA ASN D 127 -7.23 12.97 10.73
C ASN D 127 -6.63 14.38 10.70
N LEU D 128 -7.48 15.39 10.58
CA LEU D 128 -7.03 16.78 10.58
C LEU D 128 -7.55 17.49 11.82
N GLY D 129 -6.67 18.26 12.47
CA GLY D 129 -7.06 19.00 13.65
C GLY D 129 -7.06 18.21 14.94
N LEU D 130 -6.29 17.13 14.96
CA LEU D 130 -6.21 16.33 16.18
C LEU D 130 -5.37 17.02 17.24
N GLU D 131 -4.43 17.86 16.80
CA GLU D 131 -3.56 18.59 17.72
C GLU D 131 -4.39 19.63 18.45
N GLU D 132 -5.13 20.42 17.66
CA GLU D 132 -5.98 21.46 18.20
C GLU D 132 -6.99 20.84 19.14
N THR D 133 -7.51 19.67 18.74
CA THR D 133 -8.50 18.96 19.55
C THR D 133 -7.94 18.51 20.89
N VAL D 134 -6.82 17.80 20.86
CA VAL D 134 -6.20 17.32 22.08
C VAL D 134 -5.84 18.44 23.05
N ARG D 135 -5.22 19.50 22.55
CA ARG D 135 -4.83 20.62 23.39
C ARG D 135 -6.00 21.25 24.17
N ARG D 136 -7.21 21.17 23.62
CA ARG D 136 -8.39 21.72 24.27
C ARG D 136 -9.11 20.69 25.13
N ALA D 137 -8.73 19.42 25.00
CA ALA D 137 -9.38 18.37 25.76
C ALA D 137 -9.06 18.45 27.26
N ASP D 138 -10.01 18.01 28.08
CA ASP D 138 -9.85 18.04 29.53
C ASP D 138 -9.71 16.59 29.98
N VAL D 139 -10.16 15.69 29.12
CA VAL D 139 -10.09 14.26 29.40
C VAL D 139 -9.89 13.59 28.04
N ILE D 140 -9.15 12.49 28.03
CA ILE D 140 -8.90 11.78 26.79
C ILE D 140 -8.95 10.26 27.00
N PHE D 141 -9.79 9.58 26.23
CA PHE D 141 -9.90 8.13 26.33
C PHE D 141 -9.17 7.50 25.15
N SER D 142 -8.64 6.30 25.38
CA SER D 142 -7.93 5.58 24.32
C SER D 142 -8.24 4.09 24.42
N HIS D 143 -8.04 3.39 23.32
CA HIS D 143 -8.31 1.96 23.27
C HIS D 143 -7.29 1.12 24.02
N SER D 144 -6.07 1.65 24.15
CA SER D 144 -5.02 0.92 24.85
C SER D 144 -3.86 1.84 25.23
N ASP D 145 -3.11 1.43 26.25
CA ASP D 145 -1.97 2.20 26.74
C ASP D 145 -0.71 1.91 25.92
N PRO D 172 -2.42 16.10 28.81
CA PRO D 172 -3.04 15.57 30.02
C PRO D 172 -2.96 14.03 30.17
N THR D 173 -3.88 13.47 30.95
CA THR D 173 -3.93 12.02 31.18
C THR D 173 -4.83 11.32 30.19
N VAL D 174 -4.39 10.15 29.71
CA VAL D 174 -5.16 9.37 28.76
C VAL D 174 -5.71 8.10 29.40
N TYR D 175 -7.00 8.10 29.65
CA TYR D 175 -7.67 6.96 30.25
C TYR D 175 -8.08 5.94 29.19
N ASN D 176 -8.37 4.73 29.65
CA ASN D 176 -8.76 3.65 28.79
C ASN D 176 -10.25 3.37 28.87
N PHE D 177 -10.85 3.10 27.72
CA PHE D 177 -12.27 2.82 27.66
C PHE D 177 -12.52 1.66 26.73
N GLN D 178 -13.77 1.24 26.67
CA GLN D 178 -14.21 0.16 25.81
C GLN D 178 -15.48 0.70 25.16
N PRO D 179 -15.71 0.40 23.87
CA PRO D 179 -16.95 0.89 23.24
C PRO D 179 -18.06 -0.05 23.63
N PRO D 180 -18.86 0.33 24.64
CA PRO D 180 -19.96 -0.49 25.12
C PRO D 180 -21.19 -0.46 24.24
N MET D 181 -22.13 -1.35 24.55
CA MET D 181 -23.37 -1.45 23.80
C MET D 181 -24.49 -1.90 24.74
N ASP D 182 -25.73 -1.53 24.45
CA ASP D 182 -26.84 -1.97 25.27
C ASP D 182 -27.11 -3.44 24.88
N ILE D 183 -26.19 -4.33 25.24
CA ILE D 183 -26.32 -5.75 24.92
C ILE D 183 -27.70 -6.28 25.34
N VAL D 184 -28.14 -5.86 26.52
CA VAL D 184 -29.41 -6.28 27.09
C VAL D 184 -30.62 -5.92 26.21
N LYS D 185 -30.52 -4.81 25.48
CA LYS D 185 -31.64 -4.40 24.63
C LYS D 185 -31.71 -5.23 23.36
N VAL D 186 -30.56 -5.61 22.81
CA VAL D 186 -30.54 -6.41 21.60
C VAL D 186 -31.11 -7.80 21.84
N ARG D 187 -30.82 -8.37 23.00
CA ARG D 187 -31.32 -9.68 23.32
C ARG D 187 -32.85 -9.73 23.30
N SER D 188 -33.48 -8.94 24.17
CA SER D 188 -34.93 -8.94 24.25
C SER D 188 -35.57 -8.62 22.91
N THR D 189 -34.80 -8.02 22.00
CA THR D 189 -35.31 -7.65 20.70
C THR D 189 -35.22 -8.72 19.61
N TYR D 190 -34.08 -9.42 19.53
CA TYR D 190 -33.92 -10.43 18.49
C TYR D 190 -33.79 -11.88 18.96
N TRP D 191 -33.08 -12.12 20.04
CA TRP D 191 -32.87 -13.47 20.56
C TRP D 191 -34.07 -14.38 20.31
N LYS D 192 -33.84 -15.45 19.55
CA LYS D 192 -34.89 -16.40 19.21
C LYS D 192 -34.78 -17.69 20.01
N ASP D 193 -35.79 -18.53 19.83
CA ASP D 193 -35.88 -19.83 20.49
C ASP D 193 -34.93 -20.75 19.73
N VAL D 194 -34.05 -21.45 20.43
CA VAL D 194 -33.08 -22.35 19.81
C VAL D 194 -33.66 -23.21 18.68
N SER D 195 -35.00 -23.25 18.60
CA SER D 195 -35.70 -24.02 17.59
C SER D 195 -35.69 -23.36 16.20
N GLU D 196 -35.90 -22.04 16.15
CA GLU D 196 -35.92 -21.32 14.89
C GLU D 196 -34.56 -21.06 14.26
N ILE D 197 -33.51 -21.60 14.87
CA ILE D 197 -32.15 -21.42 14.36
C ILE D 197 -31.73 -22.47 13.34
N ASN D 198 -31.13 -22.02 12.24
CA ASN D 198 -30.68 -22.91 11.19
C ASN D 198 -29.18 -23.16 11.41
N MET D 199 -28.86 -24.36 11.87
CA MET D 199 -27.48 -24.73 12.15
C MET D 199 -26.56 -24.84 10.93
N ASN D 200 -27.17 -24.91 9.75
CA ASN D 200 -26.38 -25.01 8.53
C ASN D 200 -25.94 -23.64 7.98
N ILE D 201 -26.39 -22.58 8.64
CA ILE D 201 -26.04 -21.22 8.22
C ILE D 201 -24.92 -20.64 9.06
N ASN D 202 -23.79 -20.36 8.41
CA ASN D 202 -22.65 -19.75 9.07
C ASN D 202 -22.58 -18.31 8.55
N ARG D 203 -22.71 -17.34 9.45
CA ARG D 203 -22.68 -15.95 9.01
C ARG D 203 -21.53 -15.09 9.50
N TRP D 204 -20.70 -14.64 8.56
CA TRP D 204 -19.54 -13.78 8.85
C TRP D 204 -19.93 -12.29 8.65
N ILE D 205 -19.37 -11.41 9.49
CA ILE D 205 -19.64 -9.96 9.35
C ILE D 205 -18.37 -9.16 9.61
N GLY D 206 -18.21 -8.10 8.84
CA GLY D 206 -17.07 -7.20 8.95
C GLY D 206 -17.17 -6.24 7.76
N ARG D 207 -16.03 -5.95 7.16
CA ARG D 207 -15.99 -5.12 5.97
C ARG D 207 -14.73 -5.50 5.23
N THR D 208 -14.63 -5.04 3.99
CA THR D 208 -13.53 -5.38 3.11
C THR D 208 -12.15 -4.89 3.50
N THR D 209 -11.66 -5.38 4.64
CA THR D 209 -10.34 -5.04 5.15
C THR D 209 -9.73 -6.38 5.51
N THR D 210 -8.47 -6.58 5.14
CA THR D 210 -7.78 -7.84 5.40
C THR D 210 -7.82 -8.25 6.86
N TRP D 211 -7.64 -7.29 7.76
CA TRP D 211 -7.65 -7.61 9.18
C TRP D 211 -9.01 -7.98 9.77
N LYS D 212 -10.06 -7.97 8.94
CA LYS D 212 -11.40 -8.37 9.37
C LYS D 212 -11.52 -9.88 9.14
N GLY D 213 -10.52 -10.40 8.44
CA GLY D 213 -10.44 -11.82 8.15
C GLY D 213 -11.35 -12.50 7.14
N PHE D 214 -11.65 -11.85 6.01
CA PHE D 214 -12.53 -12.50 5.05
C PHE D 214 -11.81 -13.61 4.29
N TYR D 215 -10.49 -13.47 4.14
CA TYR D 215 -9.71 -14.49 3.45
C TYR D 215 -9.79 -15.80 4.23
N GLN D 216 -9.70 -15.72 5.55
CA GLN D 216 -9.79 -16.92 6.35
C GLN D 216 -11.18 -17.50 6.30
N MET D 217 -12.20 -16.64 6.21
CA MET D 217 -13.56 -17.15 6.15
C MET D 217 -13.70 -17.91 4.84
N PHE D 218 -13.16 -17.37 3.76
CA PHE D 218 -13.24 -18.04 2.47
C PHE D 218 -12.57 -19.40 2.58
N ASP D 219 -11.33 -19.38 3.06
CA ASP D 219 -10.51 -20.56 3.27
C ASP D 219 -11.29 -21.64 4.05
N PHE D 220 -11.79 -21.26 5.22
CA PHE D 220 -12.55 -22.17 6.08
C PHE D 220 -13.74 -22.81 5.36
N HIS D 221 -14.42 -22.01 4.54
CA HIS D 221 -15.59 -22.49 3.81
C HIS D 221 -15.29 -23.51 2.71
N GLU D 222 -14.30 -23.22 1.87
CA GLU D 222 -13.98 -24.13 0.79
C GLU D 222 -13.38 -25.43 1.34
N LYS D 223 -12.77 -25.35 2.52
CA LYS D 223 -12.14 -26.53 3.10
C LYS D 223 -12.94 -27.33 4.12
N PHE D 224 -13.90 -26.74 4.81
CA PHE D 224 -14.66 -27.49 5.81
C PHE D 224 -16.18 -27.33 5.75
N LEU D 225 -16.63 -26.09 5.76
CA LEU D 225 -18.06 -25.80 5.74
C LEU D 225 -18.79 -26.28 4.50
N LYS D 226 -18.22 -26.02 3.32
CA LYS D 226 -18.89 -26.43 2.09
C LYS D 226 -18.84 -27.95 1.94
N PRO D 227 -17.64 -28.55 2.04
CA PRO D 227 -17.55 -30.01 1.90
C PRO D 227 -18.57 -30.75 2.77
N ALA D 228 -19.08 -30.10 3.80
CA ALA D 228 -20.05 -30.71 4.70
C ALA D 228 -21.50 -30.32 4.45
N GLY D 229 -21.75 -29.67 3.31
CA GLY D 229 -23.11 -29.26 2.98
C GLY D 229 -23.63 -28.11 3.80
N LYS D 230 -22.73 -27.31 4.37
CA LYS D 230 -23.11 -26.16 5.17
C LYS D 230 -23.15 -24.92 4.25
N SER D 231 -23.88 -23.89 4.65
CA SER D 231 -23.96 -22.66 3.86
C SER D 231 -23.24 -21.47 4.51
N THR D 232 -22.49 -20.73 3.71
CA THR D 232 -21.79 -19.57 4.25
C THR D 232 -22.21 -18.22 3.65
N VAL D 233 -22.45 -17.26 4.54
CA VAL D 233 -22.82 -15.91 4.15
C VAL D 233 -21.84 -14.92 4.75
N MET D 234 -21.34 -14.01 3.92
CA MET D 234 -20.43 -12.97 4.39
C MET D 234 -21.05 -11.59 4.21
N GLU D 235 -21.46 -10.99 5.33
CA GLU D 235 -22.10 -9.66 5.34
C GLU D 235 -21.20 -8.50 5.66
N GLY D 236 -21.29 -7.44 4.84
CA GLY D 236 -20.51 -6.25 5.07
C GLY D 236 -19.38 -5.97 4.11
N LEU D 237 -19.25 -6.81 3.08
CA LEU D 237 -18.18 -6.64 2.13
C LEU D 237 -18.51 -5.62 1.05
N GLU D 238 -18.14 -4.37 1.29
CA GLU D 238 -18.42 -3.31 0.33
C GLU D 238 -17.58 -3.57 -0.91
N ARG D 239 -17.99 -2.97 -2.02
CA ARG D 239 -17.24 -3.10 -3.27
C ARG D 239 -15.91 -2.43 -3.00
N SER D 240 -14.85 -3.02 -3.52
CA SER D 240 -13.49 -2.52 -3.27
C SER D 240 -12.56 -3.13 -4.29
N PRO D 241 -11.46 -2.43 -4.63
CA PRO D 241 -10.44 -2.87 -5.59
C PRO D 241 -9.88 -4.22 -5.13
N ALA D 242 -10.05 -4.48 -3.84
CA ALA D 242 -9.62 -5.71 -3.19
C ALA D 242 -10.34 -6.92 -3.77
N PHE D 243 -11.43 -6.69 -4.52
CA PHE D 243 -12.16 -7.81 -5.11
C PHE D 243 -11.42 -8.26 -6.34
N ILE D 244 -10.47 -7.44 -6.78
CA ILE D 244 -9.68 -7.80 -7.93
C ILE D 244 -8.76 -8.93 -7.49
N ALA D 245 -8.22 -8.78 -6.28
CA ALA D 245 -7.32 -9.78 -5.71
C ALA D 245 -8.10 -11.06 -5.39
N ILE D 246 -9.32 -10.91 -4.86
CA ILE D 246 -10.15 -12.08 -4.52
C ILE D 246 -10.38 -12.94 -5.77
N LYS D 247 -10.85 -12.30 -6.83
CA LYS D 247 -11.12 -12.97 -8.12
C LYS D 247 -9.82 -13.56 -8.67
N GLU D 248 -8.79 -12.73 -8.65
CA GLU D 248 -7.45 -13.08 -9.11
C GLU D 248 -6.99 -14.41 -8.47
N LYS D 249 -7.36 -14.61 -7.20
CA LYS D 249 -6.98 -15.81 -6.47
C LYS D 249 -7.89 -17.01 -6.71
N GLY D 250 -8.81 -16.86 -7.64
CA GLY D 250 -9.72 -17.95 -7.93
C GLY D 250 -10.76 -18.22 -6.88
N ILE D 251 -10.87 -17.33 -5.89
CA ILE D 251 -11.86 -17.53 -4.84
C ILE D 251 -13.23 -17.24 -5.44
N PRO D 252 -14.12 -18.23 -5.42
CA PRO D 252 -15.48 -18.08 -5.97
C PRO D 252 -16.44 -17.44 -4.96
N TYR D 253 -17.42 -16.71 -5.44
CA TYR D 253 -18.38 -16.07 -4.55
C TYR D 253 -19.53 -15.52 -5.37
N GLU D 254 -20.63 -15.22 -4.70
CA GLU D 254 -21.78 -14.64 -5.39
C GLU D 254 -22.12 -13.36 -4.63
N TYR D 255 -21.90 -12.23 -5.28
CA TYR D 255 -22.13 -10.93 -4.68
C TYR D 255 -23.60 -10.48 -4.75
N TYR D 256 -24.10 -9.86 -3.69
CA TYR D 256 -25.48 -9.42 -3.67
C TYR D 256 -25.65 -8.02 -3.13
N GLY D 257 -26.46 -7.22 -3.82
CA GLY D 257 -26.76 -5.87 -3.37
C GLY D 257 -27.79 -6.05 -2.26
N ASN D 258 -27.94 -5.06 -1.40
CA ASN D 258 -28.91 -5.20 -0.33
C ASN D 258 -30.36 -5.38 -0.81
N ARG D 259 -30.62 -5.02 -2.07
CA ARG D 259 -31.94 -5.13 -2.68
C ARG D 259 -32.30 -6.56 -3.09
N GLU D 260 -31.28 -7.41 -3.23
CA GLU D 260 -31.50 -8.80 -3.63
C GLU D 260 -31.30 -9.75 -2.45
N ILE D 261 -31.33 -9.22 -1.25
CA ILE D 261 -31.14 -10.03 -0.06
C ILE D 261 -31.91 -11.36 -0.15
N ASP D 262 -33.10 -11.31 -0.73
CA ASP D 262 -33.93 -12.51 -0.86
C ASP D 262 -33.47 -13.46 -1.96
N LYS D 263 -32.66 -12.97 -2.89
CA LYS D 263 -32.16 -13.81 -3.98
C LYS D 263 -30.97 -14.68 -3.61
N MET D 264 -30.52 -14.62 -2.37
CA MET D 264 -29.38 -15.44 -1.97
C MET D 264 -29.76 -16.92 -1.95
N ASN D 265 -28.82 -17.74 -2.42
CA ASN D 265 -29.01 -19.18 -2.47
C ASN D 265 -28.37 -19.79 -1.23
N LEU D 266 -29.18 -20.21 -0.28
CA LEU D 266 -28.67 -20.80 0.95
C LEU D 266 -28.67 -22.33 0.93
N ALA D 267 -28.59 -22.90 -0.27
CA ALA D 267 -28.55 -24.35 -0.41
C ALA D 267 -27.09 -24.82 -0.29
N PRO D 268 -26.87 -26.14 -0.19
CA PRO D 268 -25.52 -26.70 -0.07
C PRO D 268 -24.76 -26.66 -1.38
N ASN D 269 -23.43 -26.79 -1.30
CA ASN D 269 -22.57 -26.82 -2.47
C ASN D 269 -22.50 -25.48 -3.22
N GLN D 270 -22.85 -24.39 -2.55
CA GLN D 270 -22.80 -23.06 -3.15
C GLN D 270 -21.57 -22.33 -2.61
N PRO D 271 -21.06 -21.34 -3.37
CA PRO D 271 -19.89 -20.58 -2.91
C PRO D 271 -20.33 -19.57 -1.85
N ALA D 272 -19.39 -18.92 -1.19
CA ALA D 272 -19.74 -17.92 -0.18
C ALA D 272 -20.74 -16.91 -0.75
N GLN D 273 -21.82 -16.64 -0.02
CA GLN D 273 -22.82 -15.67 -0.45
C GLN D 273 -22.49 -14.32 0.23
N ILE D 274 -22.08 -13.34 -0.57
CA ILE D 274 -21.69 -12.02 -0.04
C ILE D 274 -22.73 -10.92 -0.14
N LEU D 275 -22.93 -10.19 0.95
CA LEU D 275 -23.85 -9.04 1.00
C LEU D 275 -22.94 -7.85 1.31
N ASP D 276 -22.99 -6.78 0.52
CA ASP D 276 -22.09 -5.65 0.79
C ASP D 276 -22.39 -4.83 2.05
N CYS D 277 -23.20 -3.81 1.98
CA CYS D 277 -23.45 -3.04 3.19
C CYS D 277 -24.81 -3.42 3.72
N TYR D 278 -24.91 -3.66 5.02
CA TYR D 278 -26.18 -4.06 5.63
C TYR D 278 -26.72 -3.12 6.71
N ILE D 279 -28.04 -3.13 6.85
CA ILE D 279 -28.76 -2.36 7.84
C ILE D 279 -28.57 -3.12 9.13
N ASN D 280 -27.99 -2.48 10.13
CA ASN D 280 -27.70 -3.15 11.40
C ASN D 280 -28.84 -3.90 12.11
N SER D 281 -30.07 -3.39 12.02
CA SER D 281 -31.20 -4.07 12.69
C SER D 281 -31.62 -5.28 11.84
N GLU D 282 -31.50 -5.14 10.53
CA GLU D 282 -31.88 -6.22 9.63
C GLU D 282 -30.91 -7.40 9.73
N MET D 283 -29.63 -7.09 9.96
CA MET D 283 -28.59 -8.10 10.11
C MET D 283 -28.82 -8.86 11.42
N LEU D 284 -29.07 -8.13 12.49
CA LEU D 284 -29.31 -8.76 13.79
C LEU D 284 -30.45 -9.77 13.70
N GLU D 285 -31.49 -9.43 12.94
CA GLU D 285 -32.62 -10.34 12.78
C GLU D 285 -32.12 -11.60 12.09
N ARG D 286 -31.41 -11.43 10.98
CA ARG D 286 -30.88 -12.56 10.24
C ARG D 286 -29.88 -13.38 11.04
N MET D 287 -29.08 -12.70 11.85
CA MET D 287 -28.06 -13.36 12.65
C MET D 287 -28.66 -14.19 13.77
N SER D 288 -29.74 -13.71 14.37
CA SER D 288 -30.40 -14.41 15.47
C SER D 288 -30.93 -15.79 15.03
N LYS D 289 -31.14 -15.97 13.73
CA LYS D 289 -31.64 -17.24 13.23
C LYS D 289 -30.53 -18.00 12.50
N SER D 290 -29.29 -17.52 12.69
CA SER D 290 -28.12 -18.13 12.07
C SER D 290 -27.48 -19.02 13.11
N GLY D 291 -26.89 -20.12 12.66
CA GLY D 291 -26.26 -21.05 13.58
C GLY D 291 -24.98 -20.54 14.19
N PHE D 292 -24.05 -20.10 13.34
CA PHE D 292 -22.78 -19.60 13.84
C PHE D 292 -22.34 -18.32 13.13
N GLY D 293 -22.16 -17.27 13.90
CA GLY D 293 -21.72 -16.01 13.35
C GLY D 293 -20.23 -15.95 13.60
N TYR D 294 -19.48 -15.47 12.62
CA TYR D 294 -18.03 -15.38 12.78
C TYR D 294 -17.59 -13.94 12.77
N GLN D 295 -16.57 -13.65 13.56
CA GLN D 295 -16.00 -12.32 13.67
C GLN D 295 -14.53 -12.67 13.77
N LEU D 296 -13.82 -12.59 12.66
CA LEU D 296 -12.42 -12.96 12.63
C LEU D 296 -11.42 -11.82 12.59
N SER D 297 -11.74 -10.73 13.26
CA SER D 297 -10.84 -9.59 13.30
C SER D 297 -9.61 -9.98 14.11
N LYS D 298 -8.43 -9.77 13.53
CA LYS D 298 -7.18 -10.06 14.20
C LYS D 298 -6.51 -8.73 14.48
N LEU D 299 -6.51 -8.31 15.75
CA LEU D 299 -5.89 -7.04 16.12
C LEU D 299 -4.54 -7.18 16.80
N ASN D 300 -3.59 -6.35 16.37
CA ASN D 300 -2.25 -6.36 16.93
C ASN D 300 -2.35 -6.35 18.46
N GLN D 301 -1.40 -7.00 19.13
CA GLN D 301 -1.42 -7.08 20.58
C GLN D 301 -0.99 -5.76 21.27
N LYS D 302 -0.57 -4.78 20.46
CA LYS D 302 -0.14 -3.48 20.97
C LYS D 302 -1.29 -2.48 21.08
N TYR D 303 -2.36 -2.72 20.34
CA TYR D 303 -3.54 -1.85 20.35
C TYR D 303 -4.67 -2.52 21.11
N LEU D 304 -4.36 -3.66 21.72
CA LEU D 304 -5.37 -4.42 22.47
C LEU D 304 -5.20 -4.33 23.98
N GLN D 305 -6.31 -4.18 24.67
CA GLN D 305 -6.31 -4.11 26.12
C GLN D 305 -7.64 -4.65 26.65
N ARG D 306 -8.75 -4.04 26.24
CA ARG D 306 -10.05 -4.52 26.70
C ARG D 306 -11.14 -4.35 25.65
N SER D 307 -10.82 -3.64 24.57
CA SER D 307 -11.82 -3.37 23.55
C SER D 307 -12.16 -4.37 22.46
N LEU D 308 -13.37 -4.89 22.54
CA LEU D 308 -13.90 -5.78 21.52
C LEU D 308 -14.58 -4.80 20.56
N GLU D 309 -14.92 -5.25 19.36
CA GLU D 309 -15.59 -4.38 18.39
C GLU D 309 -17.08 -4.69 18.44
N TYR D 310 -17.92 -3.81 17.94
CA TYR D 310 -19.36 -4.04 17.99
C TYR D 310 -19.84 -5.34 17.35
N THR D 311 -19.22 -5.71 16.23
CA THR D 311 -19.60 -6.94 15.57
C THR D 311 -19.36 -8.13 16.54
N HIS D 312 -18.42 -7.98 17.46
CA HIS D 312 -18.13 -8.99 18.47
C HIS D 312 -19.32 -9.06 19.42
N LEU D 313 -19.61 -7.95 20.07
CA LEU D 313 -20.69 -7.86 21.03
C LEU D 313 -22.02 -8.26 20.43
N GLU D 314 -22.28 -7.80 19.21
CA GLU D 314 -23.52 -8.10 18.54
C GLU D 314 -23.76 -9.60 18.37
N LEU D 315 -22.74 -10.34 17.97
CA LEU D 315 -22.89 -11.78 17.80
C LEU D 315 -23.46 -12.43 19.06
N GLY D 316 -22.79 -12.21 20.19
CA GLY D 316 -23.25 -12.79 21.43
C GLY D 316 -24.64 -12.33 21.83
N ALA D 317 -24.95 -11.07 21.56
CA ALA D 317 -26.23 -10.51 21.94
C ALA D 317 -27.46 -10.98 21.17
N CYS D 318 -27.32 -11.30 19.89
CA CYS D 318 -28.50 -11.72 19.16
C CYS D 318 -28.83 -13.22 19.34
N GLY D 319 -27.89 -13.99 19.88
CA GLY D 319 -28.18 -15.39 20.12
C GLY D 319 -27.51 -16.48 19.28
N THR D 320 -26.44 -16.14 18.58
CA THR D 320 -25.75 -17.15 17.79
C THR D 320 -24.49 -17.55 18.55
N ILE D 321 -23.85 -18.63 18.11
CA ILE D 321 -22.63 -19.05 18.78
C ILE D 321 -21.49 -18.15 18.27
N PRO D 322 -20.83 -17.43 19.17
CA PRO D 322 -19.74 -16.58 18.74
C PRO D 322 -18.55 -17.42 18.29
N VAL D 323 -17.91 -17.02 17.21
CA VAL D 323 -16.73 -17.70 16.70
C VAL D 323 -15.78 -16.54 16.43
N PHE D 324 -14.93 -16.24 17.40
CA PHE D 324 -13.98 -15.13 17.26
C PHE D 324 -12.63 -15.67 16.86
N TRP D 325 -11.73 -14.75 16.55
CA TRP D 325 -10.40 -15.11 16.14
C TRP D 325 -9.53 -15.28 17.38
N LYS D 326 -9.37 -16.53 17.78
CA LYS D 326 -8.58 -16.92 18.95
C LYS D 326 -7.44 -15.97 19.32
N SER D 327 -6.50 -15.77 18.41
CA SER D 327 -5.39 -14.87 18.70
C SER D 327 -5.83 -13.57 19.38
N THR D 328 -6.89 -12.93 18.86
CA THR D 328 -7.38 -11.69 19.44
C THR D 328 -7.94 -11.94 20.83
N GLY D 329 -8.49 -13.13 21.03
CA GLY D 329 -9.05 -13.46 22.33
C GLY D 329 -7.98 -13.74 23.36
N GLU D 330 -6.73 -13.85 22.90
CA GLU D 330 -5.60 -14.10 23.78
C GLU D 330 -4.90 -12.81 24.14
N ASN D 331 -5.29 -11.71 23.49
CA ASN D 331 -4.64 -10.43 23.76
C ASN D 331 -5.54 -9.41 24.42
N LEU D 332 -6.78 -9.81 24.68
CA LEU D 332 -7.72 -8.93 25.34
C LEU D 332 -7.92 -9.38 26.76
N LYS D 333 -8.08 -8.42 27.65
CA LYS D 333 -8.28 -8.71 29.07
C LYS D 333 -9.73 -8.53 29.46
N PHE D 334 -10.27 -9.50 30.17
CA PHE D 334 -11.64 -9.48 30.63
C PHE D 334 -11.75 -8.24 31.51
N ARG D 335 -12.92 -7.62 31.55
CA ARG D 335 -13.09 -6.41 32.34
C ARG D 335 -13.24 -6.70 33.83
N VAL D 336 -14.01 -7.73 34.16
CA VAL D 336 -14.21 -8.06 35.57
C VAL D 336 -12.90 -8.41 36.28
N ASP D 337 -12.21 -9.46 35.83
CA ASP D 337 -10.96 -9.87 36.47
C ASP D 337 -9.72 -9.77 35.59
N ASN D 338 -9.54 -8.61 34.96
CA ASN D 338 -8.40 -8.35 34.09
C ASN D 338 -7.47 -9.54 33.77
N THR D 339 -7.89 -10.37 32.82
CA THR D 339 -7.12 -11.53 32.36
C THR D 339 -7.56 -11.88 30.94
N PRO D 340 -6.90 -12.85 30.29
CA PRO D 340 -7.28 -13.22 28.92
C PRO D 340 -8.72 -13.71 28.76
N LEU D 341 -9.24 -13.60 27.54
CA LEU D 341 -10.61 -14.03 27.23
C LEU D 341 -10.67 -15.49 26.82
N THR D 342 -9.59 -15.99 26.21
CA THR D 342 -9.51 -17.37 25.77
C THR D 342 -9.56 -18.34 26.94
N SER D 343 -9.09 -17.87 28.09
CA SER D 343 -9.08 -18.68 29.29
C SER D 343 -10.31 -18.38 30.17
N HIS D 344 -11.48 -18.72 29.64
CA HIS D 344 -12.76 -18.50 30.32
C HIS D 344 -13.80 -19.42 29.68
N ASP D 345 -14.73 -19.93 30.48
CA ASP D 345 -15.79 -20.77 29.94
C ASP D 345 -16.83 -19.81 29.38
N SER D 346 -16.44 -19.17 28.28
CA SER D 346 -17.23 -18.18 27.58
C SER D 346 -18.42 -18.70 26.78
N GLY D 347 -18.18 -19.77 26.04
CA GLY D 347 -19.20 -20.35 25.18
C GLY D 347 -18.71 -20.03 23.78
N ILE D 348 -17.76 -19.11 23.73
CA ILE D 348 -17.16 -18.63 22.50
C ILE D 348 -16.27 -19.66 21.83
N ILE D 349 -16.52 -19.92 20.55
CA ILE D 349 -15.70 -20.86 19.80
C ILE D 349 -14.56 -20.05 19.21
N TRP D 350 -13.33 -20.36 19.63
CA TRP D 350 -12.17 -19.64 19.12
C TRP D 350 -11.64 -20.28 17.87
N PHE D 351 -11.51 -19.47 16.83
CA PHE D 351 -11.06 -19.89 15.51
C PHE D 351 -9.55 -19.95 15.37
N ASP D 352 -9.02 -21.15 15.16
CA ASP D 352 -7.59 -21.34 15.01
C ASP D 352 -7.25 -21.57 13.55
N GLU D 353 -6.52 -20.64 12.94
CA GLU D 353 -6.17 -20.79 11.52
C GLU D 353 -5.14 -21.92 11.34
N ASN D 354 -4.63 -22.42 12.46
CA ASN D 354 -3.64 -23.49 12.47
C ASN D 354 -4.29 -24.82 12.79
N ASP D 355 -5.56 -24.78 13.15
CA ASP D 355 -6.29 -25.99 13.50
C ASP D 355 -7.77 -25.79 13.17
N MET D 356 -8.06 -25.51 11.92
CA MET D 356 -9.43 -25.29 11.52
C MET D 356 -10.32 -26.48 11.83
N GLU D 357 -9.78 -27.68 11.73
CA GLU D 357 -10.59 -28.86 12.01
C GLU D 357 -11.13 -28.89 13.44
N SER D 358 -10.32 -28.43 14.39
CA SER D 358 -10.77 -28.42 15.77
C SER D 358 -11.97 -27.48 15.90
N THR D 359 -11.86 -26.32 15.26
CA THR D 359 -12.91 -25.31 15.27
C THR D 359 -14.17 -25.94 14.68
N PHE D 360 -14.00 -26.63 13.55
CA PHE D 360 -15.11 -27.27 12.87
C PHE D 360 -15.69 -28.40 13.74
N GLU D 361 -14.83 -29.03 14.54
CA GLU D 361 -15.29 -30.11 15.42
C GLU D 361 -16.28 -29.59 16.45
N ARG D 362 -15.90 -28.49 17.11
CA ARG D 362 -16.74 -27.90 18.13
C ARG D 362 -18.06 -27.41 17.53
N ILE D 363 -18.02 -26.89 16.31
CA ILE D 363 -19.22 -26.38 15.65
C ILE D 363 -20.21 -27.51 15.30
N LYS D 364 -19.70 -28.66 14.86
CA LYS D 364 -20.58 -29.78 14.52
C LYS D 364 -21.30 -30.30 15.77
N GLU D 365 -20.59 -30.31 16.90
CA GLU D 365 -21.17 -30.78 18.16
C GLU D 365 -22.44 -30.00 18.48
N LEU D 366 -22.32 -28.68 18.49
CA LEU D 366 -23.45 -27.81 18.80
C LEU D 366 -24.52 -27.85 17.70
N SER D 367 -24.10 -28.15 16.48
CA SER D 367 -25.04 -28.21 15.34
C SER D 367 -25.96 -29.41 15.36
N SER D 368 -25.75 -30.33 16.30
CA SER D 368 -26.58 -31.52 16.39
C SER D 368 -27.03 -31.79 17.81
N ASP D 369 -27.19 -30.72 18.58
CA ASP D 369 -27.64 -30.83 19.97
C ASP D 369 -28.19 -29.48 20.46
N ARG D 370 -29.43 -29.20 20.09
CA ARG D 370 -30.09 -27.95 20.48
C ARG D 370 -29.67 -27.57 21.89
N ALA D 371 -30.08 -28.41 22.84
CA ALA D 371 -29.80 -28.21 24.26
C ALA D 371 -28.38 -27.77 24.60
N LEU D 372 -27.37 -28.36 23.97
CA LEU D 372 -25.99 -27.95 24.24
C LEU D 372 -25.74 -26.57 23.63
N TYR D 373 -26.30 -26.37 22.45
CA TYR D 373 -26.17 -25.11 21.71
C TYR D 373 -26.79 -23.98 22.52
N ASP D 374 -28.02 -24.21 22.99
CA ASP D 374 -28.77 -23.24 23.76
C ASP D 374 -28.11 -22.95 25.11
N ARG D 375 -27.36 -23.92 25.62
CA ARG D 375 -26.67 -23.72 26.89
C ARG D 375 -25.34 -23.02 26.66
N GLU D 376 -24.72 -23.29 25.52
CA GLU D 376 -23.44 -22.67 25.21
C GLU D 376 -23.58 -21.19 24.85
N ARG D 377 -24.72 -20.80 24.31
CA ARG D 377 -24.92 -19.41 23.93
C ARG D 377 -25.35 -18.58 25.14
N GLU D 378 -26.07 -19.20 26.07
CA GLU D 378 -26.50 -18.49 27.28
C GLU D 378 -25.25 -18.05 28.05
N LYS D 379 -24.18 -18.83 27.93
CA LYS D 379 -22.92 -18.53 28.60
C LYS D 379 -22.18 -17.46 27.82
N ALA D 380 -22.41 -17.41 26.51
CA ALA D 380 -21.75 -16.42 25.66
C ALA D 380 -22.40 -15.06 25.92
N TYR D 381 -23.73 -15.04 25.89
CA TYR D 381 -24.47 -13.81 26.11
C TYR D 381 -24.12 -13.25 27.47
N GLU D 382 -23.81 -14.13 28.41
CA GLU D 382 -23.46 -13.70 29.75
C GLU D 382 -22.02 -13.19 29.83
N PHE D 383 -21.07 -13.98 29.33
CA PHE D 383 -19.67 -13.57 29.37
C PHE D 383 -19.43 -12.22 28.71
N LEU D 384 -20.09 -11.97 27.58
CA LEU D 384 -19.93 -10.73 26.84
C LEU D 384 -20.68 -9.56 27.46
N TYR D 385 -21.83 -9.85 28.07
CA TYR D 385 -22.64 -8.83 28.72
C TYR D 385 -21.85 -8.20 29.85
N GLN D 386 -21.21 -9.04 30.65
CA GLN D 386 -20.43 -8.55 31.77
C GLN D 386 -19.18 -7.80 31.36
N HIS D 387 -18.60 -8.19 30.24
CA HIS D 387 -17.37 -7.57 29.77
C HIS D 387 -17.53 -6.21 29.12
N GLN D 388 -18.65 -5.99 28.43
CA GLN D 388 -18.80 -4.73 27.73
C GLN D 388 -20.22 -4.20 27.56
N ASP D 389 -21.03 -4.24 28.62
CA ASP D 389 -22.37 -3.70 28.46
C ASP D 389 -22.31 -2.23 28.81
N SER D 390 -23.19 -1.46 28.17
CA SER D 390 -23.25 -0.03 28.41
C SER D 390 -23.39 0.25 29.90
N SER D 391 -24.27 -0.50 30.56
CA SER D 391 -24.51 -0.32 31.99
C SER D 391 -23.26 -0.23 32.87
N PHE D 392 -22.16 -0.85 32.44
CA PHE D 392 -20.94 -0.84 33.24
C PHE D 392 -19.79 0.01 32.68
N CYS D 393 -19.64 -0.01 31.36
CA CYS D 393 -18.55 0.73 30.73
C CYS D 393 -18.81 2.22 30.69
N PHE D 394 -20.05 2.59 30.38
CA PHE D 394 -20.41 4.00 30.32
C PHE D 394 -20.53 4.57 31.73
N LYS D 395 -20.57 3.67 32.72
CA LYS D 395 -20.62 4.10 34.10
C LYS D 395 -19.17 4.34 34.54
N GLU D 396 -18.25 3.54 34.01
CA GLU D 396 -16.83 3.70 34.35
C GLU D 396 -16.34 5.04 33.81
N GLN D 397 -16.53 5.24 32.51
CA GLN D 397 -16.10 6.46 31.83
C GLN D 397 -16.72 7.71 32.45
N PHE D 398 -18.02 7.64 32.75
CA PHE D 398 -18.72 8.78 33.33
C PHE D 398 -18.06 9.23 34.63
N ASP D 399 -17.69 8.26 35.48
CA ASP D 399 -17.03 8.58 36.74
C ASP D 399 -15.69 9.25 36.45
N ILE D 400 -14.98 8.73 35.47
CA ILE D 400 -13.69 9.30 35.11
C ILE D 400 -13.86 10.71 34.56
N ILE D 401 -14.94 10.93 33.81
CA ILE D 401 -15.19 12.24 33.22
C ILE D 401 -15.60 13.27 34.26
N THR D 402 -16.57 12.90 35.09
CA THR D 402 -17.07 13.80 36.12
C THR D 402 -16.24 13.68 37.40
N LYS D 403 -15.01 13.21 37.26
CA LYS D 403 -14.11 13.05 38.39
C LYS D 403 -13.19 14.27 38.46
CO NCO E . 15.41 -16.24 9.92
N1 NCO E . 13.75 -15.36 9.19
N2 NCO E . 16.52 -15.36 8.50
N3 NCO E . 15.72 -14.66 11.14
N4 NCO E . 17.07 -17.13 10.64
N5 NCO E . 14.29 -17.13 11.35
N6 NCO E . 15.10 -17.82 8.72
CO NCO F . 20.85 -2.88 -13.47
N1 NCO F . 20.13 -1.02 -13.57
N2 NCO F . 21.53 -2.71 -15.35
N3 NCO F . 22.55 -2.10 -12.77
N4 NCO F . 21.61 -4.73 -13.36
N5 NCO F . 20.15 -3.06 -11.59
N6 NCO F . 19.10 -3.61 -14.16
CO NCO G . 19.73 -26.27 -27.06
N1 NCO G . 18.46 -25.15 -25.96
N2 NCO G . 19.85 -24.78 -28.42
N3 NCO G . 21.30 -25.47 -26.07
N4 NCO G . 21.00 -27.38 -28.16
N5 NCO G . 19.61 -27.74 -25.70
N6 NCO G . 18.16 -27.06 -28.04
CO NCO H . 8.82 -20.67 -1.64
N1 NCO H . 8.17 -21.06 -3.50
N2 NCO H . 10.51 -19.90 -2.40
N3 NCO H . 7.94 -18.87 -1.72
N4 NCO H . 9.47 -20.28 0.22
N5 NCO H . 7.12 -21.45 -0.88
N6 NCO H . 9.70 -22.48 -1.56
N1 UDP I . 13.15 5.17 -12.77
C2 UDP I . 11.89 5.71 -12.76
N3 UDP I . 11.38 5.97 -11.51
C4 UDP I . 12.01 5.77 -10.30
C5 UDP I . 13.33 5.23 -10.39
C6 UDP I . 13.84 4.96 -11.60
O2 UDP I . 11.26 5.95 -13.78
O4 UDP I . 11.40 6.03 -9.25
C1' UDP I . 13.71 4.81 -14.08
C2' UDP I . 15.08 5.42 -14.35
O2' UDP I . 14.92 6.68 -14.97
C3' UDP I . 15.69 4.37 -15.29
C4' UDP I . 15.12 3.06 -14.75
O4' UDP I . 13.88 3.41 -14.09
O3' UDP I . 15.25 4.60 -16.61
C5' UDP I . 16.01 2.32 -13.78
O5' UDP I . 17.07 1.68 -14.47
PA UDP I . 18.60 1.93 -14.10
O1A UDP I . 19.42 1.10 -15.01
O2A UDP I . 18.81 3.41 -14.05
O3A UDP I . 18.77 1.39 -12.57
PB UDP I . 18.06 0.15 -11.77
O1B UDP I . 19.13 -0.52 -10.97
O2B UDP I . 16.87 0.69 -11.06
O3B UDP I . 17.58 -0.85 -12.90
CO NCO J . -12.74 0.26 15.43
N1 NCO J . -13.95 -1.18 14.71
N2 NCO J . -14.14 0.72 16.82
N3 NCO J . -12.00 -1.11 16.70
N4 NCO J . -11.53 1.66 16.15
N5 NCO J . -11.37 -0.19 14.04
N6 NCO J . -13.53 1.62 14.16
CO NCO K . -6.24 22.15 29.80
N1 NCO K . -6.83 20.51 30.78
N2 NCO K . -5.93 23.08 31.54
N3 NCO K . -4.34 21.48 29.81
N4 NCO K . -5.65 23.80 28.80
N5 NCO K . -6.54 21.22 28.04
N6 NCO K . -8.13 22.83 29.78
CO NCO L . -9.83 33.69 22.09
N1 NCO L . -11.49 34.69 21.56
N2 NCO L . -8.95 34.22 20.36
N3 NCO L . -9.12 35.35 22.98
N4 NCO L . -8.17 32.68 22.64
N5 NCO L . -10.71 33.14 23.81
N6 NCO L . -10.54 32.03 21.20
N1 UDP M . -22.20 -2.16 10.46
C2 UDP M . -23.45 -2.05 9.88
N3 UDP M . -23.48 -2.23 8.53
C4 UDP M . -22.41 -2.49 7.70
C5 UDP M . -21.15 -2.56 8.38
C6 UDP M . -21.09 -2.40 9.70
O2 UDP M . -24.45 -1.81 10.54
O4 UDP M . -22.61 -2.70 6.51
C1' UDP M . -22.13 -1.99 11.92
C2' UDP M . -21.64 -3.23 12.66
O2' UDP M . -22.73 -4.08 12.95
C3' UDP M . -21.06 -2.61 13.92
C4' UDP M . -20.43 -1.33 13.40
O4' UDP M . -21.17 -0.99 12.19
O3' UDP M . -22.14 -2.29 14.80
C5' UDP M . -18.95 -1.40 13.06
O5' UDP M . -18.17 -1.33 14.25
PA UDP M . -17.07 -2.42 14.62
O1A UDP M . -16.46 -1.97 15.89
O2A UDP M . -17.69 -3.77 14.53
O3A UDP M . -15.93 -2.32 13.45
PB UDP M . -15.61 -1.16 12.34
O1B UDP M . -14.14 -1.17 12.12
O2B UDP M . -16.52 -1.36 11.19
O3B UDP M . -15.98 0.20 13.09
#